data_7VF6
#
_entry.id   7VF6
#
_cell.length_a   111.534
_cell.length_b   111.534
_cell.length_c   58.277
_cell.angle_alpha   90.000
_cell.angle_beta   90.000
_cell.angle_gamma   90.000
#
_symmetry.space_group_name_H-M   'P 43'
#
loop_
_entity.id
_entity.type
_entity.pdbx_description
1 polymer 'PurA-like adenylosuccinate synthetase'
2 non-polymer 'PHOSPHATE ION'
3 non-polymer "GUANOSINE-5'-DIPHOSPHATE"
4 non-polymer 'SULFATE ION'
5 non-polymer GLYCEROL
6 water water
#
_entity_poly.entity_id   1
_entity_poly.type   'polypeptide(L)'
_entity_poly.pdbx_seq_one_letter_code
;MGSAIDVIVGGQFGSEAKGRVTLERVQHWADNGHAVASMRVAGPNAGHVVWDQGHRFAMRSLPVGFVDPGTDLYIAAGSE
VDIEVLQQEVDLVESYGYEVRDRLYIHPQATWLEPVHRDREASSTLTAKVGSTSKGIGAARSDRIWRVANLVGDNPAFQE
LGRVSDFTEDLRSELVDGSLALVIEGTQGYGLGLHAGHYPQCTSSDARAIDFLAMAGINPWDLSREDLAAHGFRIHVVIR
PFPIRVAGNSGELSGETSWDELGLEAERTTVTNKIRRVGQFDPELVRRAVLANGVNNVKIHLSMADQLIPQLAGLEDLPE
GWRESEYAGRLREFIDQIPFNERLVSLGTGPHTRIELFKENLYFQLE
;
_entity_poly.pdbx_strand_id   A,B
#
loop_
_chem_comp.id
_chem_comp.type
_chem_comp.name
_chem_comp.formula
GDP RNA linking GUANOSINE-5'-DIPHOSPHATE 'C10 H15 N5 O11 P2'
GOL non-polymer GLYCEROL 'C3 H8 O3'
PO4 non-polymer 'PHOSPHATE ION' 'O4 P -3'
SO4 non-polymer 'SULFATE ION' 'O4 S -2'
#
# COMPACT_ATOMS: atom_id res chain seq x y z
N GLY A 2 18.85 0.58 -18.01
CA GLY A 2 18.34 0.87 -16.69
C GLY A 2 16.82 0.90 -16.59
N SER A 3 16.27 0.53 -15.44
CA SER A 3 14.84 0.58 -15.26
C SER A 3 14.44 1.78 -14.42
N ALA A 4 13.15 2.12 -14.46
CA ALA A 4 12.65 3.27 -13.71
C ALA A 4 11.18 3.02 -13.39
N ILE A 5 10.70 3.65 -12.31
CA ILE A 5 9.29 3.64 -11.95
C ILE A 5 8.85 5.08 -11.73
N ASP A 6 7.87 5.54 -12.51
CA ASP A 6 7.21 6.82 -12.30
C ASP A 6 5.83 6.55 -11.72
N VAL A 7 5.48 7.22 -10.63
CA VAL A 7 4.12 7.16 -10.11
C VAL A 7 3.55 8.57 -10.13
N ILE A 8 2.43 8.75 -10.83
CA ILE A 8 1.81 10.07 -10.99
C ILE A 8 0.62 10.15 -10.04
N VAL A 9 0.62 11.15 -9.15
CA VAL A 9 -0.39 11.26 -8.11
C VAL A 9 -0.89 12.69 -8.02
N GLY A 10 -2.02 12.87 -7.33
CA GLY A 10 -2.62 14.18 -7.15
C GLY A 10 -2.29 14.73 -5.77
N GLY A 11 -1.87 15.98 -5.73
CA GLY A 11 -1.55 16.62 -4.46
C GLY A 11 -2.70 17.28 -3.76
N GLN A 12 -3.89 17.32 -4.38
CA GLN A 12 -5.03 18.00 -3.78
C GLN A 12 -6.23 17.06 -3.73
N PHE A 13 -7.37 17.43 -4.33
CA PHE A 13 -8.54 16.57 -4.29
C PHE A 13 -8.85 15.89 -5.62
N GLY A 14 -7.90 15.90 -6.56
CA GLY A 14 -8.10 15.29 -7.86
C GLY A 14 -8.15 16.34 -8.97
N SER A 15 -8.20 15.83 -10.20
CA SER A 15 -8.30 16.65 -11.40
C SER A 15 -7.18 17.69 -11.48
N GLU A 16 -6.00 17.30 -11.01
CA GLU A 16 -4.86 18.21 -11.10
C GLU A 16 -4.16 18.14 -12.45
N ALA A 17 -4.49 17.13 -13.28
CA ALA A 17 -3.98 16.91 -14.64
C ALA A 17 -2.95 15.79 -14.63
N LYS A 18 -3.25 14.73 -13.88
CA LYS A 18 -2.43 13.53 -13.92
C LYS A 18 -2.44 12.89 -15.30
N GLY A 19 -3.56 13.00 -16.03
CA GLY A 19 -3.56 12.47 -17.39
C GLY A 19 -2.49 13.14 -18.25
N ARG A 20 -2.45 14.46 -18.24
CA ARG A 20 -1.44 15.17 -19.04
C ARG A 20 -0.04 14.77 -18.61
N VAL A 21 0.24 14.78 -17.30
CA VAL A 21 1.58 14.48 -16.82
C VAL A 21 1.94 13.02 -17.09
N THR A 22 0.98 12.11 -16.95
CA THR A 22 1.28 10.71 -17.22
C THR A 22 1.73 10.51 -18.66
N LEU A 23 0.98 11.09 -19.60
CA LEU A 23 1.34 10.97 -21.00
C LEU A 23 2.69 11.61 -21.26
N GLU A 24 2.98 12.76 -20.63
CA GLU A 24 4.30 13.36 -20.77
C GLU A 24 5.40 12.40 -20.33
N ARG A 25 5.17 11.67 -19.23
CA ARG A 25 6.18 10.72 -18.76
C ARG A 25 6.32 9.55 -19.73
N VAL A 26 5.21 9.01 -20.23
CA VAL A 26 5.29 7.93 -21.21
C VAL A 26 6.08 8.38 -22.43
N GLN A 27 5.79 9.59 -22.93
CA GLN A 27 6.47 10.07 -24.13
C GLN A 27 7.93 10.44 -23.87
N HIS A 28 8.28 10.80 -22.63
CA HIS A 28 9.69 11.01 -22.28
C HIS A 28 10.50 9.76 -22.58
N TRP A 29 10.07 8.62 -22.04
CA TRP A 29 10.77 7.37 -22.28
C TRP A 29 10.67 6.96 -23.74
N ALA A 30 9.47 7.06 -24.31
CA ALA A 30 9.22 6.58 -25.67
C ALA A 30 10.05 7.38 -26.68
N ASP A 31 10.05 8.70 -26.57
CA ASP A 31 10.78 9.55 -27.51
C ASP A 31 12.28 9.34 -27.40
N ASN A 32 12.77 8.87 -26.26
CA ASN A 32 14.18 8.52 -26.11
C ASN A 32 14.46 7.07 -26.50
N GLY A 33 13.47 6.36 -27.04
CA GLY A 33 13.65 4.99 -27.48
C GLY A 33 13.82 3.99 -26.37
N HIS A 34 13.38 4.31 -25.16
CA HIS A 34 13.47 3.40 -24.03
C HIS A 34 12.20 2.58 -23.91
N ALA A 35 12.34 1.29 -23.58
CA ALA A 35 11.14 0.49 -23.36
C ALA A 35 10.30 1.11 -22.26
N VAL A 36 8.98 1.17 -22.47
CA VAL A 36 8.10 1.83 -21.51
C VAL A 36 6.77 1.09 -21.45
N ALA A 37 6.20 1.06 -20.26
CA ALA A 37 4.90 0.45 -19.99
C ALA A 37 4.05 1.46 -19.25
N SER A 38 2.75 1.45 -19.54
CA SER A 38 1.80 2.39 -18.96
C SER A 38 0.75 1.59 -18.22
N MET A 39 0.66 1.78 -16.90
CA MET A 39 -0.25 0.99 -16.08
C MET A 39 -1.28 1.86 -15.41
N ARG A 40 -2.51 1.39 -15.36
CA ARG A 40 -3.53 2.07 -14.58
C ARG A 40 -3.92 1.18 -13.41
N VAL A 41 -4.22 1.82 -12.28
CA VAL A 41 -4.62 1.14 -11.06
C VAL A 41 -5.96 1.73 -10.62
N ALA A 42 -6.57 1.07 -9.63
CA ALA A 42 -7.82 1.53 -9.03
C ALA A 42 -8.99 1.41 -10.01
N GLY A 43 -9.97 2.30 -9.94
CA GLY A 43 -11.22 2.10 -10.66
C GLY A 43 -11.72 3.33 -11.42
N PRO A 44 -12.78 3.16 -12.23
CA PRO A 44 -13.21 4.22 -13.16
C PRO A 44 -14.11 5.30 -12.56
N ASN A 45 -13.74 5.81 -11.38
CA ASN A 45 -14.49 6.92 -10.79
C ASN A 45 -13.86 8.28 -11.12
N ALA A 46 -12.93 8.31 -12.06
CA ALA A 46 -12.32 9.55 -12.50
C ALA A 46 -11.84 9.36 -13.93
N GLY A 47 -11.92 10.42 -14.71
CA GLY A 47 -11.38 10.43 -16.06
C GLY A 47 -10.07 11.20 -16.07
N HIS A 48 -9.14 10.75 -16.91
CA HIS A 48 -7.85 11.42 -17.07
C HIS A 48 -7.76 11.90 -18.51
N VAL A 49 -7.65 13.22 -18.70
CA VAL A 49 -7.80 13.81 -20.02
C VAL A 49 -6.43 14.01 -20.66
N VAL A 50 -6.26 13.49 -21.87
CA VAL A 50 -5.10 13.75 -22.72
C VAL A 50 -5.61 14.16 -24.09
N TRP A 51 -4.76 14.87 -24.81
CA TRP A 51 -5.04 15.27 -26.19
C TRP A 51 -4.01 14.61 -27.11
N ASP A 52 -4.45 14.19 -28.29
CA ASP A 52 -3.52 13.71 -29.29
C ASP A 52 -4.12 13.96 -30.67
N GLN A 53 -3.32 14.57 -31.54
CA GLN A 53 -3.71 14.80 -32.94
C GLN A 53 -5.09 15.46 -33.02
N GLY A 54 -5.29 16.47 -32.19
CA GLY A 54 -6.49 17.28 -32.23
C GLY A 54 -7.71 16.69 -31.55
N HIS A 55 -7.60 15.52 -30.94
CA HIS A 55 -8.73 14.88 -30.27
C HIS A 55 -8.49 14.86 -28.77
N ARG A 56 -9.59 14.99 -28.03
CA ARG A 56 -9.57 14.99 -26.56
C ARG A 56 -10.10 13.66 -26.06
N PHE A 57 -9.29 12.96 -25.26
CA PHE A 57 -9.65 11.64 -24.75
C PHE A 57 -9.74 11.72 -23.23
N ALA A 58 -10.93 11.46 -22.68
CA ALA A 58 -11.14 11.44 -21.23
C ALA A 58 -11.27 9.99 -20.79
N MET A 59 -10.19 9.40 -20.30
CA MET A 59 -10.08 7.96 -20.13
C MET A 59 -10.35 7.57 -18.68
N ARG A 60 -11.22 6.57 -18.50
CA ARG A 60 -11.53 6.07 -17.17
C ARG A 60 -10.88 4.73 -16.86
N SER A 61 -10.45 3.99 -17.87
CA SER A 61 -10.02 2.61 -17.64
C SER A 61 -8.78 2.27 -18.45
N LEU A 62 -8.75 2.66 -19.72
CA LEU A 62 -7.61 2.40 -20.57
C LEU A 62 -6.45 3.32 -20.21
N PRO A 63 -5.25 2.80 -19.96
CA PRO A 63 -4.11 3.68 -19.64
C PRO A 63 -3.86 4.70 -20.75
N VAL A 64 -3.55 5.94 -20.37
CA VAL A 64 -3.35 6.98 -21.37
C VAL A 64 -2.11 6.75 -22.22
N GLY A 65 -1.25 5.82 -21.84
CA GLY A 65 -0.15 5.46 -22.71
C GLY A 65 -0.59 4.86 -24.04
N PHE A 66 -1.88 4.60 -24.23
CA PHE A 66 -2.32 4.11 -25.54
C PHE A 66 -1.92 5.07 -26.65
N VAL A 67 -1.71 6.34 -26.32
CA VAL A 67 -1.37 7.34 -27.34
C VAL A 67 -0.06 6.97 -28.03
N ASP A 68 0.87 6.35 -27.30
CA ASP A 68 2.15 5.98 -27.87
C ASP A 68 2.09 4.55 -28.39
N PRO A 69 2.38 4.31 -29.67
CA PRO A 69 2.18 2.97 -30.24
C PRO A 69 3.10 1.89 -29.67
N GLY A 70 4.26 2.24 -29.13
CA GLY A 70 5.17 1.22 -28.64
C GLY A 70 5.03 0.89 -27.18
N THR A 71 4.03 1.42 -26.50
CA THR A 71 3.91 1.26 -25.05
C THR A 71 2.97 0.10 -24.69
N ASP A 72 3.47 -0.82 -23.88
CA ASP A 72 2.58 -1.87 -23.35
C ASP A 72 1.67 -1.25 -22.29
N LEU A 73 0.42 -1.72 -22.28
CA LEU A 73 -0.64 -1.16 -21.45
C LEU A 73 -1.09 -2.19 -20.42
N TYR A 74 -1.11 -1.81 -19.15
CA TYR A 74 -1.44 -2.74 -18.07
C TYR A 74 -2.59 -2.22 -17.23
N ILE A 75 -3.52 -3.11 -16.91
CA ILE A 75 -4.54 -2.87 -15.88
C ILE A 75 -4.19 -3.78 -14.71
N ALA A 76 -3.83 -3.17 -13.59
CA ALA A 76 -3.19 -3.85 -12.47
C ALA A 76 -4.16 -4.75 -11.71
N ALA A 77 -3.59 -5.69 -10.95
CA ALA A 77 -4.39 -6.54 -10.08
C ALA A 77 -5.24 -5.71 -9.12
N GLY A 78 -4.67 -4.62 -8.57
CA GLY A 78 -5.40 -3.74 -7.67
C GLY A 78 -6.25 -2.74 -8.43
N SER A 79 -7.20 -3.27 -9.19
CA SER A 79 -8.10 -2.44 -9.99
C SER A 79 -9.53 -2.95 -9.83
N GLU A 80 -10.46 -2.10 -10.23
CA GLU A 80 -11.84 -2.45 -10.48
C GLU A 80 -12.10 -2.15 -11.95
N VAL A 81 -12.61 -3.14 -12.68
CA VAL A 81 -12.73 -3.01 -14.13
C VAL A 81 -14.21 -3.17 -14.50
N ASP A 82 -14.78 -2.11 -15.07
CA ASP A 82 -16.13 -2.11 -15.60
C ASP A 82 -16.04 -2.43 -17.08
N ILE A 83 -16.61 -3.56 -17.51
CA ILE A 83 -16.34 -4.01 -18.87
C ILE A 83 -17.03 -3.11 -19.89
N GLU A 84 -18.16 -2.51 -19.52
CA GLU A 84 -18.82 -1.60 -20.45
C GLU A 84 -17.99 -0.33 -20.65
N VAL A 85 -17.34 0.16 -19.60
CA VAL A 85 -16.45 1.31 -19.77
C VAL A 85 -15.26 0.94 -20.64
N LEU A 86 -14.61 -0.18 -20.35
CA LEU A 86 -13.44 -0.55 -21.12
C LEU A 86 -13.79 -0.83 -22.58
N GLN A 87 -14.90 -1.53 -22.81
CA GLN A 87 -15.35 -1.75 -24.19
C GLN A 87 -15.54 -0.44 -24.93
N GLN A 88 -16.17 0.54 -24.28
CA GLN A 88 -16.41 1.82 -24.94
C GLN A 88 -15.11 2.54 -25.24
N GLU A 89 -14.15 2.50 -24.32
CA GLU A 89 -12.91 3.23 -24.55
C GLU A 89 -12.05 2.54 -25.60
N VAL A 90 -12.05 1.20 -25.62
CA VAL A 90 -11.36 0.48 -26.68
C VAL A 90 -11.99 0.80 -28.03
N ASP A 91 -13.33 0.73 -28.11
CA ASP A 91 -14.00 1.09 -29.35
C ASP A 91 -13.70 2.52 -29.76
N LEU A 92 -13.66 3.45 -28.80
CA LEU A 92 -13.41 4.83 -29.12
C LEU A 92 -12.03 5.02 -29.73
N VAL A 93 -10.98 4.52 -29.06
CA VAL A 93 -9.65 4.76 -29.60
C VAL A 93 -9.45 4.01 -30.90
N GLU A 94 -10.06 2.83 -31.06
CA GLU A 94 -9.92 2.11 -32.32
C GLU A 94 -10.53 2.90 -33.47
N SER A 95 -11.61 3.63 -33.21
CA SER A 95 -12.27 4.42 -34.25
C SER A 95 -11.42 5.59 -34.70
N TYR A 96 -10.41 5.97 -33.92
CA TYR A 96 -9.45 7.00 -34.31
C TYR A 96 -8.14 6.39 -34.79
N GLY A 97 -8.10 5.09 -35.00
CA GLY A 97 -6.94 4.44 -35.58
C GLY A 97 -5.90 3.95 -34.60
N TYR A 98 -6.13 4.06 -33.29
CA TYR A 98 -5.21 3.46 -32.35
C TYR A 98 -5.41 1.95 -32.31
N GLU A 99 -4.33 1.22 -32.05
CA GLU A 99 -4.36 -0.23 -31.91
C GLU A 99 -3.92 -0.55 -30.48
N VAL A 100 -4.80 -1.19 -29.70
CA VAL A 100 -4.51 -1.45 -28.30
C VAL A 100 -4.68 -2.90 -27.88
N ARG A 101 -5.57 -3.66 -28.55
CA ARG A 101 -5.94 -4.97 -28.02
C ARG A 101 -4.76 -5.94 -27.91
N ASP A 102 -3.80 -5.87 -28.83
CA ASP A 102 -2.66 -6.79 -28.80
C ASP A 102 -1.53 -6.34 -27.88
N ARG A 103 -1.67 -5.21 -27.19
CA ARG A 103 -0.67 -4.74 -26.24
C ARG A 103 -1.31 -4.35 -24.90
N LEU A 104 -2.54 -4.78 -24.66
CA LEU A 104 -3.28 -4.48 -23.44
C LEU A 104 -3.34 -5.74 -22.60
N TYR A 105 -2.92 -5.63 -21.34
CA TYR A 105 -2.83 -6.75 -20.42
C TYR A 105 -3.72 -6.45 -19.22
N ILE A 106 -4.70 -7.31 -18.97
CA ILE A 106 -5.71 -7.08 -17.94
C ILE A 106 -5.56 -8.14 -16.87
N HIS A 107 -5.26 -7.73 -15.64
CA HIS A 107 -4.95 -8.72 -14.62
C HIS A 107 -6.19 -9.50 -14.20
N PRO A 108 -6.13 -10.84 -14.17
CA PRO A 108 -7.32 -11.61 -13.78
C PRO A 108 -7.73 -11.44 -12.33
N GLN A 109 -6.85 -10.93 -11.46
CA GLN A 109 -7.20 -10.75 -10.06
C GLN A 109 -7.87 -9.41 -9.79
N ALA A 110 -8.02 -8.57 -10.80
CA ALA A 110 -8.77 -7.33 -10.61
C ALA A 110 -10.25 -7.66 -10.33
N THR A 111 -10.89 -6.78 -9.56
CA THR A 111 -12.32 -6.91 -9.34
C THR A 111 -13.08 -6.58 -10.61
N TRP A 112 -14.08 -7.39 -10.93
CA TRP A 112 -15.00 -7.11 -12.02
C TRP A 112 -16.10 -6.23 -11.47
N LEU A 113 -16.13 -4.97 -11.88
CA LEU A 113 -17.18 -4.04 -11.44
C LEU A 113 -18.38 -4.26 -12.34
N GLU A 114 -19.47 -4.74 -11.78
CA GLU A 114 -20.64 -5.17 -12.54
C GLU A 114 -21.78 -4.16 -12.46
N PRO A 115 -22.76 -4.27 -13.35
CA PRO A 115 -23.87 -3.30 -13.34
C PRO A 115 -24.49 -3.13 -11.97
N VAL A 116 -24.61 -4.22 -11.21
CA VAL A 116 -25.26 -4.15 -9.90
C VAL A 116 -24.50 -3.22 -8.96
N HIS A 117 -23.19 -3.09 -9.15
CA HIS A 117 -22.42 -2.18 -8.31
C HIS A 117 -22.76 -0.72 -8.61
N ARG A 118 -22.90 -0.38 -9.89
CA ARG A 118 -23.33 0.97 -10.23
C ARG A 118 -24.72 1.25 -9.70
N ASP A 119 -25.65 0.29 -9.88
CA ASP A 119 -27.02 0.49 -9.40
C ASP A 119 -27.05 0.68 -7.89
N ARG A 120 -26.27 -0.11 -7.14
CA ARG A 120 -26.28 0.00 -5.69
C ARG A 120 -25.83 1.37 -5.22
N GLU A 121 -24.80 1.94 -5.84
CA GLU A 121 -24.36 3.27 -5.45
C GLU A 121 -25.36 4.33 -5.89
N ALA A 122 -25.88 4.21 -7.12
CA ALA A 122 -26.75 5.25 -7.65
C ALA A 122 -28.02 5.40 -6.83
N SER A 123 -28.52 4.31 -6.27
CA SER A 123 -29.74 4.38 -5.47
C SER A 123 -29.47 4.60 -3.99
N SER A 124 -28.21 4.68 -3.57
CA SER A 124 -27.82 4.91 -2.19
C SER A 124 -27.74 6.41 -1.87
N THR A 125 -27.51 6.71 -0.59
CA THR A 125 -27.29 8.08 -0.12
C THR A 125 -25.88 8.60 -0.40
N LEU A 126 -25.03 7.84 -1.11
CA LEU A 126 -23.62 8.21 -1.25
C LEU A 126 -23.46 9.60 -1.87
N THR A 127 -24.12 9.86 -2.99
CA THR A 127 -23.93 11.16 -3.63
C THR A 127 -24.42 12.29 -2.73
N ALA A 128 -25.60 12.12 -2.11
CA ALA A 128 -26.11 13.19 -1.26
C ALA A 128 -25.23 13.44 -0.06
N LYS A 129 -24.61 12.39 0.48
CA LYS A 129 -23.86 12.52 1.73
C LYS A 129 -22.41 12.96 1.55
N VAL A 130 -21.74 12.51 0.48
CA VAL A 130 -20.33 12.76 0.30
C VAL A 130 -19.97 13.26 -1.09
N GLY A 131 -20.95 13.41 -2.00
CA GLY A 131 -20.65 13.86 -3.34
C GLY A 131 -20.11 12.78 -4.25
N SER A 132 -20.26 11.52 -3.87
CA SER A 132 -19.76 10.40 -4.67
C SER A 132 -20.22 10.47 -6.13
N THR A 133 -19.36 9.97 -7.03
CA THR A 133 -19.74 9.80 -8.43
C THR A 133 -20.78 8.70 -8.63
N SER A 134 -20.94 7.83 -7.62
CA SER A 134 -21.83 6.66 -7.72
C SER A 134 -21.59 5.85 -8.98
N LYS A 135 -20.32 5.63 -9.32
CA LYS A 135 -19.98 4.79 -10.46
C LYS A 135 -19.71 3.34 -10.09
N GLY A 136 -19.92 2.97 -8.83
CA GLY A 136 -19.87 1.59 -8.39
C GLY A 136 -18.55 1.13 -7.82
N ILE A 137 -17.54 2.00 -7.77
CA ILE A 137 -16.21 1.57 -7.33
C ILE A 137 -16.25 1.10 -5.86
N GLY A 138 -16.87 1.91 -5.00
CA GLY A 138 -16.99 1.51 -3.60
C GLY A 138 -17.78 0.23 -3.40
N ALA A 139 -18.90 0.10 -4.11
CA ALA A 139 -19.72 -1.10 -3.97
C ALA A 139 -18.94 -2.33 -4.41
N ALA A 140 -18.15 -2.21 -5.48
CA ALA A 140 -17.34 -3.34 -5.92
C ALA A 140 -16.25 -3.67 -4.89
N ARG A 141 -15.61 -2.63 -4.34
CA ARG A 141 -14.60 -2.88 -3.32
C ARG A 141 -15.20 -3.52 -2.08
N SER A 142 -16.40 -3.10 -1.69
CA SER A 142 -17.08 -3.71 -0.56
C SER A 142 -17.36 -5.18 -0.82
N ASP A 143 -17.85 -5.51 -2.02
CA ASP A 143 -18.07 -6.90 -2.39
C ASP A 143 -16.76 -7.69 -2.43
N ARG A 144 -15.66 -7.07 -2.88
CA ARG A 144 -14.37 -7.76 -2.84
C ARG A 144 -13.96 -8.08 -1.41
N ILE A 145 -14.15 -7.11 -0.50
CA ILE A 145 -13.81 -7.30 0.91
C ILE A 145 -14.62 -8.46 1.50
N TRP A 146 -15.92 -8.54 1.16
CA TRP A 146 -16.76 -9.65 1.62
C TRP A 146 -16.52 -10.93 0.83
N ARG A 147 -15.61 -10.89 -0.15
CA ARG A 147 -15.26 -12.05 -0.96
C ARG A 147 -16.47 -12.60 -1.72
N VAL A 148 -17.39 -11.71 -2.10
CA VAL A 148 -18.50 -12.10 -2.97
C VAL A 148 -18.40 -11.47 -4.36
N ALA A 149 -17.46 -10.55 -4.59
CA ALA A 149 -17.28 -10.02 -5.93
C ALA A 149 -16.76 -11.09 -6.88
N ASN A 150 -17.04 -10.90 -8.16
CA ASN A 150 -16.37 -11.68 -9.19
C ASN A 150 -15.11 -10.98 -9.65
N LEU A 151 -14.18 -11.75 -10.20
CA LEU A 151 -12.92 -11.24 -10.69
C LEU A 151 -12.92 -11.15 -12.20
N VAL A 152 -12.01 -10.32 -12.72
CA VAL A 152 -11.81 -10.25 -14.17
C VAL A 152 -11.61 -11.64 -14.76
N GLY A 153 -10.85 -12.49 -14.06
CA GLY A 153 -10.62 -13.85 -14.53
C GLY A 153 -11.88 -14.69 -14.63
N ASP A 154 -12.98 -14.24 -14.03
CA ASP A 154 -14.24 -14.97 -14.05
C ASP A 154 -15.10 -14.64 -15.24
N ASN A 155 -14.74 -13.64 -16.05
CA ASN A 155 -15.59 -13.18 -17.15
C ASN A 155 -14.84 -13.33 -18.46
N PRO A 156 -15.15 -14.35 -19.25
CA PRO A 156 -14.42 -14.56 -20.52
C PRO A 156 -14.48 -13.36 -21.46
N ALA A 157 -15.49 -12.48 -21.33
CA ALA A 157 -15.63 -11.37 -22.26
C ALA A 157 -14.45 -10.41 -22.20
N PHE A 158 -13.70 -10.37 -21.10
CA PHE A 158 -12.53 -9.51 -21.05
C PHE A 158 -11.46 -9.97 -22.05
N GLN A 159 -11.45 -11.26 -22.41
CA GLN A 159 -10.46 -11.75 -23.37
C GLN A 159 -10.67 -11.21 -24.78
N GLU A 160 -11.84 -10.64 -25.07
CA GLU A 160 -12.05 -9.99 -26.37
C GLU A 160 -11.36 -8.63 -26.44
N LEU A 161 -11.00 -8.05 -25.29
CA LEU A 161 -10.49 -6.69 -25.25
C LEU A 161 -8.98 -6.63 -25.06
N GLY A 162 -8.40 -7.62 -24.41
CA GLY A 162 -6.96 -7.70 -24.28
C GLY A 162 -6.56 -9.06 -23.79
N ARG A 163 -5.30 -9.19 -23.41
CA ARG A 163 -4.78 -10.43 -22.86
C ARG A 163 -5.05 -10.46 -21.36
N VAL A 164 -5.90 -11.39 -20.92
CA VAL A 164 -6.15 -11.57 -19.49
C VAL A 164 -5.07 -12.51 -18.96
N SER A 165 -4.10 -11.96 -18.24
CA SER A 165 -2.98 -12.78 -17.78
C SER A 165 -2.41 -12.19 -16.50
N ASP A 166 -1.94 -13.08 -15.63
CA ASP A 166 -1.25 -12.69 -14.41
C ASP A 166 0.18 -12.30 -14.77
N PHE A 167 0.35 -11.03 -15.17
CA PHE A 167 1.60 -10.51 -15.70
C PHE A 167 2.56 -9.97 -14.63
N THR A 168 2.17 -9.96 -13.36
CA THR A 168 2.89 -9.13 -12.40
C THR A 168 4.35 -9.55 -12.25
N GLU A 169 4.62 -10.85 -12.16
CA GLU A 169 6.00 -11.29 -12.01
C GLU A 169 6.80 -11.14 -13.30
N ASP A 170 6.17 -11.30 -14.46
CA ASP A 170 6.84 -10.98 -15.72
C ASP A 170 7.26 -9.52 -15.74
N LEU A 171 6.36 -8.63 -15.31
CA LEU A 171 6.65 -7.20 -15.28
C LEU A 171 7.76 -6.89 -14.27
N ARG A 172 7.68 -7.47 -13.07
CA ARG A 172 8.73 -7.27 -12.08
C ARG A 172 10.07 -7.72 -12.63
N SER A 173 10.09 -8.85 -13.33
CA SER A 173 11.34 -9.37 -13.88
C SER A 173 11.92 -8.42 -14.92
N GLU A 174 11.07 -7.83 -15.76
CA GLU A 174 11.57 -6.89 -16.75
C GLU A 174 12.23 -5.69 -16.08
N LEU A 175 11.63 -5.20 -14.98
CA LEU A 175 12.24 -4.10 -14.22
C LEU A 175 13.55 -4.53 -13.57
N VAL A 176 13.57 -5.73 -12.99
CA VAL A 176 14.76 -6.17 -12.27
C VAL A 176 15.86 -6.51 -13.24
N ASP A 177 15.49 -7.26 -14.28
CA ASP A 177 16.42 -8.02 -15.10
C ASP A 177 16.65 -7.37 -16.43
N GLY A 178 15.89 -6.37 -16.72
CA GLY A 178 16.05 -5.65 -17.93
C GLY A 178 16.09 -4.16 -17.72
N SER A 179 15.51 -3.55 -18.70
CA SER A 179 15.52 -2.12 -18.81
C SER A 179 14.11 -1.75 -19.24
N LEU A 180 13.32 -1.42 -18.26
CA LEU A 180 11.95 -1.01 -18.49
C LEU A 180 11.66 0.22 -17.69
N ALA A 181 10.99 1.18 -18.28
CA ALA A 181 10.39 2.28 -17.52
C ALA A 181 8.91 1.97 -17.34
N LEU A 182 8.46 1.91 -16.09
CA LEU A 182 7.06 1.64 -15.77
C LEU A 182 6.44 2.92 -15.26
N VAL A 183 5.39 3.40 -15.95
CA VAL A 183 4.68 4.62 -15.57
C VAL A 183 3.33 4.21 -14.98
N ILE A 184 3.14 4.50 -13.69
CA ILE A 184 1.92 4.11 -12.99
C ILE A 184 1.05 5.34 -12.83
N GLU A 185 -0.12 5.28 -13.45
CA GLU A 185 -1.08 6.36 -13.50
C GLU A 185 -1.97 6.22 -12.27
N GLY A 186 -1.74 7.06 -11.24
CA GLY A 186 -2.62 7.12 -10.10
C GLY A 186 -3.90 7.88 -10.41
N THR A 187 -4.77 7.97 -9.42
CA THR A 187 -6.03 8.65 -9.63
C THR A 187 -6.39 9.53 -8.43
N GLN A 188 -7.38 10.39 -8.65
CA GLN A 188 -7.88 11.32 -7.64
C GLN A 188 -6.74 12.08 -7.00
N GLY A 189 -6.79 12.30 -5.69
CA GLY A 189 -5.76 13.13 -5.09
C GLY A 189 -5.67 12.85 -3.61
N TYR A 190 -4.55 13.27 -3.04
CA TYR A 190 -4.21 12.93 -1.67
C TYR A 190 -5.36 13.24 -0.71
N GLY A 191 -5.94 14.43 -0.83
CA GLY A 191 -6.92 14.87 0.14
C GLY A 191 -8.22 14.10 0.10
N LEU A 192 -8.44 13.31 -0.94
CA LEU A 192 -9.62 12.45 -1.00
C LEU A 192 -9.40 11.12 -0.30
N GLY A 193 -8.21 10.91 0.26
CA GLY A 193 -7.88 9.61 0.81
C GLY A 193 -8.73 9.23 2.02
N LEU A 194 -9.04 7.93 2.10
CA LEU A 194 -9.85 7.40 3.20
C LEU A 194 -9.32 7.80 4.57
N HIS A 195 -8.01 7.94 4.74
CA HIS A 195 -7.41 8.28 6.02
C HIS A 195 -6.73 9.65 6.02
N ALA A 196 -6.93 10.47 4.99
CA ALA A 196 -6.20 11.72 4.87
C ALA A 196 -6.83 12.86 5.69
N GLY A 197 -8.00 12.65 6.25
CA GLY A 197 -8.50 13.61 7.23
C GLY A 197 -9.92 14.09 7.02
N HIS A 198 -10.48 13.89 5.82
CA HIS A 198 -11.80 14.43 5.50
C HIS A 198 -12.91 13.40 5.61
N TYR A 199 -12.61 12.17 5.95
CA TYR A 199 -13.64 11.15 6.11
C TYR A 199 -14.79 11.69 6.96
N PRO A 200 -16.05 11.47 6.56
CA PRO A 200 -16.49 10.60 5.45
C PRO A 200 -16.56 11.25 4.06
N GLN A 201 -16.24 12.54 3.95
CA GLN A 201 -16.25 13.19 2.64
C GLN A 201 -14.92 12.89 1.96
N CYS A 202 -14.82 11.68 1.43
CA CYS A 202 -13.61 11.18 0.80
C CYS A 202 -14.01 10.01 -0.10
N THR A 203 -13.03 9.42 -0.76
CA THR A 203 -13.27 8.27 -1.60
C THR A 203 -12.92 7.00 -0.82
N SER A 204 -13.06 5.84 -1.45
CA SER A 204 -13.00 4.57 -0.75
C SER A 204 -11.62 3.94 -0.74
N SER A 205 -10.57 4.71 -1.01
CA SER A 205 -9.21 4.21 -0.84
C SER A 205 -8.32 5.38 -0.46
N ASP A 206 -7.06 5.10 -0.21
CA ASP A 206 -6.10 6.19 -0.06
C ASP A 206 -5.42 6.44 -1.41
N ALA A 207 -4.83 7.61 -1.55
CA ALA A 207 -4.42 8.03 -2.89
C ALA A 207 -2.98 8.53 -2.90
N ARG A 208 -2.11 7.87 -2.15
CA ARG A 208 -0.68 8.13 -2.14
C ARG A 208 0.06 7.19 -3.10
N ALA A 209 1.29 7.58 -3.43
CA ALA A 209 2.10 6.71 -4.29
C ALA A 209 2.16 5.29 -3.76
N ILE A 210 2.36 5.12 -2.45
CA ILE A 210 2.52 3.78 -1.90
C ILE A 210 1.23 2.97 -2.09
N ASP A 211 0.06 3.62 -2.07
CA ASP A 211 -1.18 2.89 -2.33
C ASP A 211 -1.22 2.37 -3.75
N PHE A 212 -0.80 3.21 -4.71
CA PHE A 212 -0.87 2.81 -6.11
C PHE A 212 0.19 1.76 -6.42
N LEU A 213 1.32 1.80 -5.73
CA LEU A 213 2.34 0.77 -5.90
C LEU A 213 1.86 -0.56 -5.35
N ALA A 214 1.19 -0.55 -4.19
CA ALA A 214 0.59 -1.78 -3.68
C ALA A 214 -0.43 -2.35 -4.67
N MET A 215 -1.29 -1.49 -5.25
CA MET A 215 -2.23 -1.96 -6.27
C MET A 215 -1.50 -2.52 -7.49
N ALA A 216 -0.40 -1.87 -7.88
CA ALA A 216 0.36 -2.34 -9.04
C ALA A 216 1.01 -3.69 -8.78
N GLY A 217 1.32 -4.00 -7.52
CA GLY A 217 2.06 -5.22 -7.25
C GLY A 217 3.54 -5.11 -7.55
N ILE A 218 4.05 -3.90 -7.66
CA ILE A 218 5.47 -3.63 -7.91
C ILE A 218 6.00 -2.79 -6.77
N ASN A 219 7.20 -3.15 -6.25
CA ASN A 219 7.79 -2.37 -5.16
C ASN A 219 8.88 -1.45 -5.68
N PRO A 220 8.96 -0.20 -5.22
CA PRO A 220 10.09 0.64 -5.64
C PRO A 220 11.44 0.01 -5.32
N TRP A 221 11.54 -0.74 -4.23
CA TRP A 221 12.80 -1.39 -3.88
C TRP A 221 13.05 -2.66 -4.70
N ASP A 222 12.20 -2.96 -5.68
CA ASP A 222 12.54 -3.98 -6.68
C ASP A 222 13.60 -3.46 -7.66
N LEU A 223 13.73 -2.15 -7.80
CA LEU A 223 14.78 -1.59 -8.65
C LEU A 223 16.15 -1.87 -8.04
N SER A 224 17.15 -1.98 -8.91
CA SER A 224 18.51 -2.27 -8.47
C SER A 224 19.11 -1.05 -7.77
N ARG A 225 20.21 -1.28 -7.06
CA ARG A 225 20.89 -0.17 -6.40
C ARG A 225 21.32 0.89 -7.43
N GLU A 226 21.84 0.46 -8.58
CA GLU A 226 22.27 1.42 -9.59
C GLU A 226 21.09 2.22 -10.13
N ASP A 227 19.97 1.55 -10.40
CA ASP A 227 18.84 2.27 -10.97
C ASP A 227 18.23 3.24 -9.96
N LEU A 228 18.22 2.89 -8.67
CA LEU A 228 17.75 3.83 -7.67
C LEU A 228 18.71 4.99 -7.51
N ALA A 229 20.01 4.73 -7.64
CA ALA A 229 21.01 5.79 -7.55
C ALA A 229 20.90 6.77 -8.71
N ALA A 230 20.43 6.30 -9.87
CA ALA A 230 20.15 7.16 -11.00
C ALA A 230 18.80 7.86 -10.86
N HIS A 231 18.25 7.91 -9.65
CA HIS A 231 16.94 8.53 -9.38
C HIS A 231 15.82 7.82 -10.15
N GLY A 232 15.90 6.49 -10.23
CA GLY A 232 14.94 5.74 -11.02
C GLY A 232 13.54 5.69 -10.45
N PHE A 233 13.37 5.97 -9.16
CA PHE A 233 12.04 5.95 -8.56
C PHE A 233 11.60 7.40 -8.33
N ARG A 234 10.56 7.82 -9.05
CA ARG A 234 10.08 9.20 -8.99
C ARG A 234 8.58 9.21 -8.72
N ILE A 235 8.16 10.05 -7.79
CA ILE A 235 6.74 10.31 -7.52
C ILE A 235 6.42 11.69 -8.04
N HIS A 236 5.54 11.76 -9.04
CA HIS A 236 5.18 13.03 -9.67
C HIS A 236 3.88 13.51 -9.03
N VAL A 237 4.02 14.53 -8.18
CA VAL A 237 2.87 15.11 -7.46
C VAL A 237 2.36 16.29 -8.27
N VAL A 238 1.13 16.19 -8.76
CA VAL A 238 0.56 17.20 -9.65
C VAL A 238 -0.38 18.06 -8.84
N ILE A 239 -0.22 19.38 -8.96
CA ILE A 239 -1.06 20.32 -8.21
C ILE A 239 -1.56 21.40 -9.16
N ARG A 240 -2.64 22.05 -8.75
CA ARG A 240 -3.16 23.15 -9.54
C ARG A 240 -3.34 24.37 -8.63
N PRO A 241 -3.29 25.57 -9.21
CA PRO A 241 -3.36 26.78 -8.38
C PRO A 241 -4.75 27.08 -7.85
N PHE A 242 -5.80 26.57 -8.49
CA PHE A 242 -7.18 26.72 -8.03
C PHE A 242 -7.74 25.32 -7.79
N PRO A 243 -7.57 24.79 -6.59
CA PRO A 243 -8.00 23.42 -6.31
C PRO A 243 -9.50 23.26 -6.50
N ILE A 244 -9.90 22.05 -6.91
CA ILE A 244 -11.30 21.77 -7.20
C ILE A 244 -11.77 20.63 -6.32
N ARG A 245 -13.10 20.52 -6.20
CA ARG A 245 -13.78 19.34 -5.69
C ARG A 245 -14.95 19.05 -6.63
N VAL A 246 -15.51 17.85 -6.51
CA VAL A 246 -16.73 17.53 -7.25
C VAL A 246 -17.91 18.31 -6.67
N ALA A 247 -18.96 18.41 -7.46
CA ALA A 247 -20.14 19.16 -7.06
C ALA A 247 -20.81 18.53 -5.84
N GLY A 248 -21.55 19.36 -5.11
CA GLY A 248 -22.38 18.86 -4.02
C GLY A 248 -21.73 18.87 -2.66
N ASN A 249 -22.17 17.94 -1.81
CA ASN A 249 -21.78 17.86 -0.41
C ASN A 249 -20.48 17.08 -0.26
N SER A 250 -19.42 17.61 -0.88
CA SER A 250 -18.20 16.84 -1.07
C SER A 250 -17.07 17.22 -0.09
N GLY A 251 -17.31 18.12 0.85
CA GLY A 251 -16.35 18.41 1.90
C GLY A 251 -15.84 19.84 1.87
N GLU A 252 -14.99 20.16 2.84
CA GLU A 252 -14.42 21.48 2.95
C GLU A 252 -13.52 21.80 1.76
N LEU A 253 -13.68 23.00 1.20
CA LEU A 253 -12.81 23.50 0.14
C LEU A 253 -12.34 24.90 0.50
N SER A 254 -11.09 25.01 0.95
CA SER A 254 -10.56 26.28 1.43
C SER A 254 -10.73 27.37 0.37
N GLY A 255 -11.10 28.56 0.84
CA GLY A 255 -11.22 29.71 -0.04
C GLY A 255 -12.14 29.49 -1.21
N GLU A 256 -13.26 28.80 -1.00
CA GLU A 256 -14.12 28.45 -2.12
C GLU A 256 -14.66 29.72 -2.77
N THR A 257 -14.67 29.70 -4.11
CA THR A 257 -15.08 30.84 -4.90
C THR A 257 -15.89 30.33 -6.08
N SER A 258 -15.92 31.07 -7.19
CA SER A 258 -16.67 30.65 -8.36
C SER A 258 -15.80 30.77 -9.59
N TRP A 259 -16.13 29.98 -10.61
CA TRP A 259 -15.40 30.10 -11.88
C TRP A 259 -15.50 31.53 -12.42
N ASP A 260 -16.68 32.15 -12.34
CA ASP A 260 -16.83 33.51 -12.82
C ASP A 260 -15.98 34.50 -12.02
N GLU A 261 -15.98 34.37 -10.69
CA GLU A 261 -15.15 35.27 -9.88
C GLU A 261 -13.68 35.15 -10.25
N LEU A 262 -13.23 33.96 -10.65
CA LEU A 262 -11.84 33.76 -11.06
C LEU A 262 -11.59 34.21 -12.50
N GLY A 263 -12.63 34.46 -13.28
CA GLY A 263 -12.44 34.78 -14.68
C GLY A 263 -12.09 33.60 -15.54
N LEU A 264 -12.50 32.41 -15.14
CA LEU A 264 -12.15 31.17 -15.83
C LEU A 264 -13.41 30.48 -16.32
N GLU A 265 -13.28 29.78 -17.44
CA GLU A 265 -14.37 28.95 -17.92
C GLU A 265 -14.71 27.90 -16.86
N ALA A 266 -16.00 27.62 -16.72
CA ALA A 266 -16.41 26.62 -15.73
C ALA A 266 -15.94 25.23 -16.16
N GLU A 267 -15.52 24.44 -15.18
CA GLU A 267 -15.03 23.09 -15.43
C GLU A 267 -16.04 22.07 -14.92
N ARG A 268 -16.15 20.95 -15.63
CA ARG A 268 -17.08 19.88 -15.28
C ARG A 268 -16.33 18.56 -15.11
N THR A 269 -16.83 17.74 -14.19
CA THR A 269 -16.24 16.44 -13.89
C THR A 269 -16.44 15.47 -15.06
N THR A 270 -15.40 14.67 -15.36
CA THR A 270 -15.51 13.77 -16.52
C THR A 270 -16.59 12.72 -16.34
N VAL A 271 -16.67 12.10 -15.16
CA VAL A 271 -17.51 10.92 -15.03
C VAL A 271 -18.97 11.26 -14.78
N THR A 272 -19.27 12.48 -14.34
CA THR A 272 -20.64 12.88 -14.07
C THR A 272 -21.10 14.10 -14.86
N ASN A 273 -20.19 14.83 -15.49
CA ASN A 273 -20.45 16.12 -16.14
C ASN A 273 -20.97 17.19 -15.18
N LYS A 274 -20.83 17.01 -13.87
CA LYS A 274 -21.29 18.03 -12.95
C LYS A 274 -20.25 19.13 -12.83
N ILE A 275 -20.72 20.35 -12.52
CA ILE A 275 -19.80 21.47 -12.37
C ILE A 275 -18.90 21.25 -11.15
N ARG A 276 -17.60 21.47 -11.34
CA ARG A 276 -16.66 21.38 -10.24
C ARG A 276 -16.79 22.59 -9.32
N ARG A 277 -16.64 22.35 -8.01
CA ARG A 277 -16.36 23.42 -7.08
C ARG A 277 -14.90 23.84 -7.21
N VAL A 278 -14.61 25.09 -6.88
CA VAL A 278 -13.25 25.62 -7.05
C VAL A 278 -12.91 26.56 -5.91
N GLY A 279 -11.65 26.52 -5.46
CA GLY A 279 -11.19 27.34 -4.36
C GLY A 279 -9.83 27.96 -4.62
N GLN A 280 -9.21 28.51 -3.57
CA GLN A 280 -7.89 29.11 -3.67
C GLN A 280 -6.84 28.13 -3.13
N PHE A 281 -5.61 28.29 -3.61
CA PHE A 281 -4.53 27.38 -3.25
C PHE A 281 -4.39 27.29 -1.74
N ASP A 282 -4.33 26.06 -1.23
CA ASP A 282 -4.14 25.78 0.19
C ASP A 282 -2.81 25.05 0.33
N PRO A 283 -1.74 25.75 0.70
CA PRO A 283 -0.43 25.09 0.77
C PRO A 283 -0.36 23.99 1.81
N GLU A 284 -1.15 24.08 2.89
CA GLU A 284 -1.07 23.06 3.93
C GLU A 284 -1.47 21.69 3.38
N LEU A 285 -2.52 21.63 2.54
CA LEU A 285 -2.90 20.36 1.92
C LEU A 285 -1.77 19.79 1.09
N VAL A 286 -1.12 20.64 0.29
CA VAL A 286 -0.03 20.18 -0.57
C VAL A 286 1.16 19.78 0.28
N ARG A 287 1.42 20.50 1.37
CA ARG A 287 2.49 20.09 2.28
C ARG A 287 2.24 18.68 2.83
N ARG A 288 1.03 18.43 3.31
CA ARG A 288 0.68 17.10 3.84
C ARG A 288 0.75 16.04 2.75
N ALA A 289 0.35 16.39 1.52
CA ALA A 289 0.41 15.44 0.41
C ALA A 289 1.85 15.06 0.10
N VAL A 290 2.75 16.06 0.05
CA VAL A 290 4.14 15.75 -0.27
C VAL A 290 4.77 14.90 0.82
N LEU A 291 4.52 15.26 2.09
CA LEU A 291 5.03 14.46 3.20
C LEU A 291 4.50 13.04 3.13
N ALA A 292 3.20 12.89 2.87
CA ALA A 292 2.61 11.56 2.85
C ALA A 292 3.15 10.71 1.71
N ASN A 293 3.43 11.34 0.56
CA ASN A 293 3.95 10.57 -0.57
C ASN A 293 5.40 10.17 -0.39
N GLY A 294 6.18 10.96 0.34
CA GLY A 294 7.58 10.63 0.58
C GLY A 294 8.44 11.64 -0.13
N VAL A 295 8.75 12.74 0.57
CA VAL A 295 9.31 13.92 -0.09
C VAL A 295 10.60 13.61 -0.83
N ASN A 296 11.39 12.64 -0.34
CA ASN A 296 12.70 12.38 -0.93
C ASN A 296 12.63 11.97 -2.39
N ASN A 297 11.48 11.50 -2.86
CA ASN A 297 11.35 11.04 -4.24
C ASN A 297 10.32 11.84 -5.02
N VAL A 298 9.87 12.97 -4.49
CA VAL A 298 8.81 13.75 -5.11
C VAL A 298 9.39 14.74 -6.10
N LYS A 299 8.73 14.82 -7.25
CA LYS A 299 8.88 15.91 -8.20
C LYS A 299 7.53 16.58 -8.33
N ILE A 300 7.48 17.91 -8.20
CA ILE A 300 6.21 18.61 -8.21
C ILE A 300 5.95 19.19 -9.59
N HIS A 301 4.74 18.97 -10.10
CA HIS A 301 4.28 19.53 -11.37
C HIS A 301 3.20 20.55 -11.08
N LEU A 302 3.43 21.81 -11.42
CA LEU A 302 2.37 22.80 -11.24
C LEU A 302 1.58 22.86 -12.53
N SER A 303 0.40 22.22 -12.53
CA SER A 303 -0.49 22.27 -13.67
C SER A 303 -1.23 23.59 -13.71
N MET A 304 -1.71 23.95 -14.90
CA MET A 304 -2.59 25.10 -15.07
C MET A 304 -1.95 26.37 -14.54
N ALA A 305 -0.64 26.49 -14.75
CA ALA A 305 0.00 27.79 -14.51
C ALA A 305 -0.63 28.85 -15.38
N ASP A 306 -1.20 28.46 -16.53
CA ASP A 306 -1.85 29.42 -17.41
C ASP A 306 -3.18 29.92 -16.84
N GLN A 307 -3.76 29.21 -15.86
CA GLN A 307 -4.92 29.78 -15.19
C GLN A 307 -4.50 30.87 -14.21
N LEU A 308 -3.32 30.74 -13.62
CA LEU A 308 -2.77 31.79 -12.78
C LEU A 308 -2.24 32.95 -13.62
N ILE A 309 -1.59 32.63 -14.74
CA ILE A 309 -0.99 33.63 -15.62
C ILE A 309 -1.49 33.39 -17.03
N PRO A 310 -2.61 34.00 -17.45
CA PRO A 310 -3.14 33.73 -18.80
C PRO A 310 -2.13 33.93 -19.92
N GLN A 311 -1.13 34.79 -19.72
CA GLN A 311 -0.14 35.03 -20.77
C GLN A 311 0.69 33.79 -21.09
N LEU A 312 0.68 32.78 -20.22
CA LEU A 312 1.43 31.54 -20.46
C LEU A 312 0.70 30.54 -21.34
N ALA A 313 -0.59 30.75 -21.63
CA ALA A 313 -1.40 29.73 -22.27
C ALA A 313 -0.72 29.16 -23.51
N GLY A 314 -0.60 27.83 -23.53
CA GLY A 314 -0.16 27.11 -24.71
C GLY A 314 1.32 27.19 -25.01
N LEU A 315 2.12 27.84 -24.18
CA LEU A 315 3.55 28.03 -24.43
C LEU A 315 4.41 26.92 -23.84
N GLU A 316 5.52 26.64 -24.51
CA GLU A 316 6.51 25.70 -24.00
C GLU A 316 7.80 26.39 -23.57
N ASP A 317 7.80 27.72 -23.52
CA ASP A 317 8.89 28.50 -22.96
C ASP A 317 8.32 29.83 -22.49
N LEU A 318 9.03 30.49 -21.57
CA LEU A 318 8.55 31.77 -21.08
C LEU A 318 8.53 32.79 -22.22
N PRO A 319 7.53 33.67 -22.26
CA PRO A 319 7.45 34.64 -23.35
C PRO A 319 8.54 35.70 -23.26
N GLU A 320 8.67 36.45 -24.36
CA GLU A 320 9.85 37.29 -24.55
C GLU A 320 9.98 38.35 -23.46
N GLY A 321 8.91 39.10 -23.19
CA GLY A 321 9.02 40.22 -22.28
C GLY A 321 8.90 39.87 -20.81
N TRP A 322 9.32 38.67 -20.43
CA TRP A 322 8.98 38.13 -19.12
C TRP A 322 9.63 38.92 -17.99
N ARG A 323 10.94 39.13 -18.06
CA ARG A 323 11.64 39.81 -16.97
C ARG A 323 11.05 41.18 -16.68
N GLU A 324 10.50 41.85 -17.68
CA GLU A 324 9.98 43.20 -17.51
C GLU A 324 8.50 43.23 -17.15
N SER A 325 7.82 42.09 -17.15
CA SER A 325 6.36 42.06 -17.02
C SER A 325 5.93 42.06 -15.56
N GLU A 326 4.67 42.45 -15.36
CA GLU A 326 4.08 42.40 -14.03
C GLU A 326 3.89 40.97 -13.55
N TYR A 327 3.54 40.07 -14.47
CA TYR A 327 3.15 38.72 -14.06
C TYR A 327 4.32 37.81 -13.80
N ALA A 328 5.56 38.24 -14.06
CA ALA A 328 6.72 37.47 -13.62
C ALA A 328 6.80 37.43 -12.10
N GLY A 329 6.53 38.56 -11.44
CA GLY A 329 6.49 38.57 -9.99
C GLY A 329 5.31 37.79 -9.44
N ARG A 330 4.18 37.81 -10.14
CA ARG A 330 3.02 37.04 -9.71
C ARG A 330 3.33 35.54 -9.69
N LEU A 331 3.95 35.04 -10.74
CA LEU A 331 4.33 33.63 -10.77
C LEU A 331 5.39 33.33 -9.72
N ARG A 332 6.39 34.19 -9.59
CA ARG A 332 7.45 33.95 -8.60
C ARG A 332 6.87 33.93 -7.19
N GLU A 333 5.91 34.81 -6.91
CA GLU A 333 5.33 34.85 -5.58
C GLU A 333 4.48 33.62 -5.30
N PHE A 334 3.73 33.15 -6.30
CA PHE A 334 2.97 31.91 -6.10
C PHE A 334 3.89 30.74 -5.86
N ILE A 335 4.95 30.64 -6.66
CA ILE A 335 5.90 29.54 -6.48
C ILE A 335 6.50 29.58 -5.08
N ASP A 336 6.76 30.78 -4.56
CA ASP A 336 7.38 30.91 -3.25
C ASP A 336 6.59 30.20 -2.17
N GLN A 337 5.27 30.09 -2.31
CA GLN A 337 4.44 29.53 -1.27
C GLN A 337 3.98 28.10 -1.58
N ILE A 338 4.51 27.48 -2.63
CA ILE A 338 4.36 26.05 -2.83
C ILE A 338 5.29 25.34 -1.87
N PRO A 339 4.77 24.49 -0.99
CA PRO A 339 5.65 23.71 -0.10
C PRO A 339 6.66 22.92 -0.91
N PHE A 340 7.89 22.82 -0.38
CA PHE A 340 8.95 22.04 -1.00
C PHE A 340 9.20 22.47 -2.45
N ASN A 341 9.18 23.78 -2.71
CA ASN A 341 9.20 24.20 -4.11
C ASN A 341 10.56 23.97 -4.76
N GLU A 342 11.60 23.61 -4.00
CA GLU A 342 12.84 23.18 -4.63
C GLU A 342 12.63 21.94 -5.50
N ARG A 343 11.50 21.25 -5.37
CA ARG A 343 11.22 20.05 -6.15
C ARG A 343 10.32 20.31 -7.35
N LEU A 344 10.03 21.57 -7.62
CA LEU A 344 9.24 21.93 -8.80
C LEU A 344 10.01 21.63 -10.08
N VAL A 345 9.38 20.91 -11.00
CA VAL A 345 10.04 20.51 -12.25
C VAL A 345 9.32 20.96 -13.51
N SER A 346 8.07 21.40 -13.43
CA SER A 346 7.33 21.67 -14.66
C SER A 346 6.19 22.64 -14.37
N LEU A 347 5.88 23.48 -15.35
CA LEU A 347 4.74 24.38 -15.30
C LEU A 347 3.79 24.02 -16.44
N GLY A 348 2.60 23.51 -16.10
CA GLY A 348 1.61 23.23 -17.13
C GLY A 348 1.04 24.51 -17.70
N THR A 349 0.93 24.58 -19.04
CA THR A 349 0.42 25.78 -19.71
C THR A 349 -0.78 25.52 -20.59
N GLY A 350 -1.29 24.31 -20.62
CA GLY A 350 -2.47 23.98 -21.38
C GLY A 350 -2.67 22.49 -21.30
N PRO A 351 -3.74 22.00 -21.91
CA PRO A 351 -4.06 20.57 -21.81
C PRO A 351 -3.00 19.66 -22.41
N HIS A 352 -2.08 20.19 -23.25
CA HIS A 352 -1.03 19.36 -23.83
C HIS A 352 0.28 20.11 -23.99
N THR A 353 0.54 21.12 -23.16
CA THR A 353 1.79 21.87 -23.23
C THR A 353 2.30 22.14 -21.82
N ARG A 354 3.61 22.25 -21.70
CA ARG A 354 4.18 22.64 -20.41
C ARG A 354 5.55 23.25 -20.64
N ILE A 355 6.03 23.96 -19.62
CA ILE A 355 7.39 24.48 -19.57
C ILE A 355 8.20 23.56 -18.66
N GLU A 356 9.18 22.88 -19.22
CA GLU A 356 10.05 21.96 -18.50
C GLU A 356 11.20 22.75 -17.88
N LEU A 357 11.43 22.58 -16.57
CA LEU A 357 12.45 23.38 -15.89
C LEU A 357 13.85 22.77 -15.99
N PHE A 358 13.96 21.48 -16.35
CA PHE A 358 15.22 20.77 -16.39
C PHE A 358 15.40 20.12 -17.75
N LYS A 359 16.66 19.79 -18.09
CA LYS A 359 16.97 19.23 -19.41
C LYS A 359 16.85 17.72 -19.32
N GLU A 360 15.60 17.25 -19.35
CA GLU A 360 15.33 15.84 -19.10
C GLU A 360 15.98 14.94 -20.14
N ASN A 361 15.95 15.35 -21.41
CA ASN A 361 16.54 14.50 -22.45
C ASN A 361 18.05 14.46 -22.33
N LEU A 362 18.68 15.60 -22.03
CA LEU A 362 20.11 15.60 -21.78
C LEU A 362 20.47 14.66 -20.64
N TYR A 363 19.72 14.71 -19.54
CA TYR A 363 20.07 13.87 -18.41
C TYR A 363 19.82 12.41 -18.70
N PHE A 364 18.82 12.09 -19.52
CA PHE A 364 18.68 10.71 -19.99
C PHE A 364 19.94 10.26 -20.73
N GLN A 365 20.41 11.07 -21.69
CA GLN A 365 21.57 10.66 -22.46
C GLN A 365 22.80 10.50 -21.57
N LEU A 366 22.89 11.27 -20.50
CA LEU A 366 24.02 11.18 -19.57
C LEU A 366 23.86 10.09 -18.53
N GLU A 367 22.68 9.48 -18.41
CA GLU A 367 22.37 8.53 -17.33
C GLU A 367 22.80 9.10 -15.99
N GLY B 2 20.98 6.98 13.81
CA GLY B 2 20.39 6.42 12.61
C GLY B 2 18.98 5.89 12.83
N SER B 3 18.14 5.98 11.81
CA SER B 3 16.79 5.43 11.91
C SER B 3 16.69 4.12 11.13
N ALA B 4 15.65 3.35 11.43
CA ALA B 4 15.44 2.06 10.78
C ALA B 4 13.95 1.76 10.76
N ILE B 5 13.53 0.98 9.76
CA ILE B 5 12.16 0.46 9.69
C ILE B 5 12.26 -1.05 9.50
N ASP B 6 11.67 -1.80 10.44
CA ASP B 6 11.50 -3.25 10.35
C ASP B 6 10.03 -3.53 10.07
N VAL B 7 9.74 -4.33 9.06
CA VAL B 7 8.36 -4.78 8.83
C VAL B 7 8.36 -6.31 8.89
N ILE B 8 7.56 -6.86 9.80
CA ILE B 8 7.52 -8.31 10.02
C ILE B 8 6.26 -8.85 9.34
N VAL B 9 6.44 -9.80 8.43
CA VAL B 9 5.35 -10.30 7.60
C VAL B 9 5.41 -11.82 7.56
N GLY B 10 4.32 -12.43 7.08
CA GLY B 10 4.21 -13.88 6.97
C GLY B 10 4.40 -14.30 5.53
N GLY B 11 5.23 -15.34 5.35
CA GLY B 11 5.51 -15.85 4.02
C GLY B 11 4.57 -16.92 3.55
N GLN B 12 3.63 -17.35 4.39
CA GLN B 12 2.71 -18.42 4.01
C GLN B 12 1.28 -17.98 4.26
N PHE B 13 0.51 -18.71 5.07
CA PHE B 13 -0.90 -18.37 5.30
C PHE B 13 -1.16 -17.78 6.68
N GLY B 14 -0.12 -17.41 7.42
CA GLY B 14 -0.28 -16.89 8.76
C GLY B 14 0.28 -17.83 9.81
N SER B 15 0.29 -17.32 11.05
CA SER B 15 0.76 -18.07 12.22
C SER B 15 2.16 -18.63 12.03
N GLU B 16 3.00 -17.88 11.33
CA GLU B 16 4.39 -18.28 11.13
C GLU B 16 5.28 -17.93 12.32
N ALA B 17 4.81 -17.05 13.22
CA ALA B 17 5.47 -16.60 14.46
C ALA B 17 6.00 -15.18 14.29
N LYS B 18 5.18 -14.33 13.67
CA LYS B 18 5.51 -12.92 13.59
C LYS B 18 5.52 -12.28 14.97
N GLY B 19 4.69 -12.75 15.89
CA GLY B 19 4.77 -12.23 17.25
C GLY B 19 6.14 -12.42 17.85
N ARG B 20 6.67 -13.65 17.79
CA ARG B 20 8.00 -13.91 18.34
C ARG B 20 9.06 -13.05 17.66
N VAL B 21 9.06 -13.01 16.32
CA VAL B 21 10.07 -12.27 15.59
C VAL B 21 9.94 -10.78 15.85
N THR B 22 8.70 -10.27 15.94
CA THR B 22 8.50 -8.84 16.19
C THR B 22 9.13 -8.44 17.52
N LEU B 23 8.83 -9.22 18.57
CA LEU B 23 9.40 -8.92 19.88
C LEU B 23 10.93 -9.00 19.83
N GLU B 24 11.46 -10.00 19.12
CA GLU B 24 12.92 -10.07 18.96
C GLU B 24 13.48 -8.81 18.34
N ARG B 25 12.79 -8.25 17.35
CA ARG B 25 13.27 -7.03 16.72
C ARG B 25 13.17 -5.85 17.68
N VAL B 26 12.06 -5.73 18.42
CA VAL B 26 11.96 -4.65 19.41
C VAL B 26 13.09 -4.75 20.42
N GLN B 27 13.36 -5.97 20.91
CA GLN B 27 14.39 -6.14 21.92
C GLN B 27 15.80 -5.93 21.37
N HIS B 28 16.00 -6.18 20.07
CA HIS B 28 17.30 -5.88 19.46
C HIS B 28 17.64 -4.40 19.62
N TRP B 29 16.71 -3.54 19.22
CA TRP B 29 16.93 -2.10 19.35
C TRP B 29 16.97 -1.70 20.83
N ALA B 30 16.03 -2.20 21.63
CA ALA B 30 15.93 -1.81 23.03
C ALA B 30 17.16 -2.23 23.82
N ASP B 31 17.60 -3.48 23.64
CA ASP B 31 18.77 -3.96 24.38
C ASP B 31 20.05 -3.22 23.99
N ASN B 32 20.08 -2.62 22.80
CA ASN B 32 21.22 -1.80 22.40
C ASN B 32 21.05 -0.33 22.77
N GLY B 33 20.00 0.00 23.53
CA GLY B 33 19.78 1.36 23.99
C GLY B 33 19.30 2.31 22.91
N HIS B 34 18.78 1.80 21.80
CA HIS B 34 18.31 2.63 20.70
C HIS B 34 16.83 2.94 20.87
N ALA B 35 16.43 4.16 20.53
CA ALA B 35 15.00 4.48 20.60
C ALA B 35 14.24 3.54 19.67
N VAL B 36 13.10 3.02 20.14
CA VAL B 36 12.36 2.05 19.35
C VAL B 36 10.87 2.25 19.58
N ALA B 37 10.10 2.06 18.53
CA ALA B 37 8.64 2.14 18.55
C ALA B 37 8.08 0.85 17.98
N SER B 38 6.95 0.41 18.53
CA SER B 38 6.31 -0.83 18.13
C SER B 38 4.91 -0.49 17.63
N MET B 39 4.65 -0.77 16.36
CA MET B 39 3.39 -0.40 15.74
C MET B 39 2.63 -1.63 15.26
N ARG B 40 1.31 -1.64 15.49
CA ARG B 40 0.47 -2.65 14.89
C ARG B 40 -0.45 -2.00 13.86
N VAL B 41 -0.74 -2.74 12.80
CA VAL B 41 -1.59 -2.28 11.71
C VAL B 41 -2.70 -3.32 11.53
N ALA B 42 -3.69 -2.97 10.69
CA ALA B 42 -4.78 -3.88 10.36
C ALA B 42 -5.68 -4.16 11.57
N GLY B 43 -6.26 -5.36 11.66
CA GLY B 43 -7.31 -5.60 12.63
C GLY B 43 -7.17 -6.88 13.42
N PRO B 44 -8.05 -7.08 14.42
CA PRO B 44 -7.87 -8.18 15.37
C PRO B 44 -8.39 -9.54 14.91
N ASN B 45 -8.13 -9.95 13.68
CA ASN B 45 -8.52 -11.28 13.22
C ASN B 45 -7.39 -12.31 13.35
N ALA B 46 -6.34 -11.96 14.06
CA ALA B 46 -5.26 -12.89 14.33
C ALA B 46 -4.59 -12.46 15.63
N GLY B 47 -4.10 -13.44 16.37
CA GLY B 47 -3.35 -13.21 17.60
C GLY B 47 -1.89 -13.46 17.34
N HIS B 48 -1.03 -12.66 17.97
CA HIS B 48 0.41 -12.83 17.84
C HIS B 48 0.94 -13.20 19.23
N VAL B 49 1.57 -14.36 19.33
CA VAL B 49 1.91 -14.94 20.62
C VAL B 49 3.36 -14.64 20.98
N VAL B 50 3.56 -14.04 22.14
CA VAL B 50 4.88 -13.83 22.72
C VAL B 50 4.83 -14.29 24.17
N TRP B 51 6.02 -14.61 24.69
CA TRP B 51 6.16 -15.01 26.08
C TRP B 51 7.04 -14.00 26.80
N ASP B 52 6.74 -13.74 28.05
CA ASP B 52 7.63 -12.93 28.86
C ASP B 52 7.45 -13.33 30.32
N GLN B 53 8.57 -13.60 30.99
CA GLN B 53 8.59 -13.89 32.42
C GLN B 53 7.57 -14.98 32.75
N GLY B 54 7.58 -16.04 31.95
CA GLY B 54 6.78 -17.22 32.23
C GLY B 54 5.33 -17.16 31.80
N HIS B 55 4.88 -16.04 31.25
CA HIS B 55 3.50 -15.86 30.83
C HIS B 55 3.42 -15.80 29.31
N ARG B 56 2.31 -16.34 28.78
CA ARG B 56 2.04 -16.39 27.35
C ARG B 56 0.97 -15.36 27.02
N PHE B 57 1.29 -14.43 26.12
CA PHE B 57 0.37 -13.36 25.74
C PHE B 57 0.02 -13.52 24.27
N ALA B 58 -1.27 -13.70 23.98
CA ALA B 58 -1.73 -13.84 22.60
C ALA B 58 -2.47 -12.56 22.23
N MET B 59 -1.77 -11.65 21.57
CA MET B 59 -2.22 -10.28 21.42
C MET B 59 -2.92 -10.08 20.09
N ARG B 60 -4.11 -9.49 20.13
CA ARG B 60 -4.87 -9.18 18.92
C ARG B 60 -4.82 -7.72 18.52
N SER B 61 -4.46 -6.83 19.45
CA SER B 61 -4.63 -5.39 19.20
C SER B 61 -3.45 -4.59 19.75
N LEU B 62 -3.05 -4.89 20.98
CA LEU B 62 -1.92 -4.22 21.60
C LEU B 62 -0.61 -4.67 20.96
N PRO B 63 0.24 -3.75 20.50
CA PRO B 63 1.54 -4.16 19.92
C PRO B 63 2.37 -4.98 20.93
N VAL B 64 3.03 -6.03 20.43
CA VAL B 64 3.76 -6.90 21.34
C VAL B 64 4.99 -6.22 21.95
N GLY B 65 5.37 -5.05 21.44
CA GLY B 65 6.42 -4.30 22.08
C GLY B 65 6.05 -3.82 23.48
N PHE B 66 4.81 -4.06 23.93
CA PHE B 66 4.47 -3.70 25.30
C PHE B 66 5.41 -4.40 26.28
N VAL B 67 6.00 -5.53 25.88
CA VAL B 67 6.88 -6.28 26.76
C VAL B 67 8.09 -5.46 27.19
N ASP B 68 8.54 -4.54 26.32
CA ASP B 68 9.70 -3.70 26.63
C ASP B 68 9.24 -2.36 27.20
N PRO B 69 9.66 -2.00 28.42
CA PRO B 69 9.09 -0.79 29.05
C PRO B 69 9.43 0.51 28.34
N GLY B 70 10.51 0.58 27.57
CA GLY B 70 10.88 1.84 26.96
C GLY B 70 10.34 2.05 25.55
N THR B 71 9.47 1.18 25.07
CA THR B 71 9.03 1.23 23.68
C THR B 71 7.69 1.95 23.57
N ASP B 72 7.65 2.98 22.72
CA ASP B 72 6.37 3.60 22.40
C ASP B 72 5.54 2.63 21.56
N LEU B 73 4.23 2.61 21.81
CA LEU B 73 3.30 1.68 21.16
C LEU B 73 2.32 2.46 20.30
N TYR B 74 2.20 2.07 19.03
CA TYR B 74 1.34 2.75 18.08
C TYR B 74 0.30 1.81 17.49
N ILE B 75 -0.95 2.28 17.42
CA ILE B 75 -1.97 1.66 16.60
C ILE B 75 -2.21 2.57 15.40
N ALA B 76 -1.89 2.08 14.21
CA ALA B 76 -1.78 2.89 13.00
C ALA B 76 -3.14 3.37 12.50
N ALA B 77 -3.10 4.44 11.71
CA ALA B 77 -4.31 4.90 11.03
C ALA B 77 -4.97 3.76 10.24
N GLY B 78 -4.17 2.97 9.53
CA GLY B 78 -4.69 1.85 8.75
C GLY B 78 -4.98 0.65 9.62
N SER B 79 -5.90 0.81 10.57
CA SER B 79 -6.25 -0.23 11.52
C SER B 79 -7.77 -0.29 11.68
N GLU B 80 -8.22 -1.44 12.17
CA GLU B 80 -9.56 -1.61 12.73
C GLU B 80 -9.37 -1.90 14.21
N VAL B 81 -10.04 -1.14 15.07
CA VAL B 81 -9.86 -1.26 16.51
C VAL B 81 -11.18 -1.65 17.15
N ASP B 82 -11.21 -2.84 17.76
CA ASP B 82 -12.33 -3.29 18.58
C ASP B 82 -12.05 -2.88 20.02
N ILE B 83 -12.90 -2.02 20.59
CA ILE B 83 -12.54 -1.46 21.90
C ILE B 83 -12.64 -2.51 22.99
N GLU B 84 -13.55 -3.48 22.84
CA GLU B 84 -13.62 -4.54 23.85
C GLU B 84 -12.36 -5.39 23.84
N VAL B 85 -11.81 -5.67 22.66
CA VAL B 85 -10.56 -6.43 22.60
C VAL B 85 -9.43 -5.63 23.21
N LEU B 86 -9.30 -4.35 22.83
CA LEU B 86 -8.21 -3.54 23.36
C LEU B 86 -8.33 -3.37 24.87
N GLN B 87 -9.55 -3.11 25.36
CA GLN B 87 -9.77 -3.01 26.80
C GLN B 87 -9.32 -4.26 27.52
N GLN B 88 -9.66 -5.43 27.00
CA GLN B 88 -9.28 -6.67 27.65
C GLN B 88 -7.77 -6.87 27.64
N GLU B 89 -7.11 -6.47 26.56
CA GLU B 89 -5.67 -6.69 26.50
C GLU B 89 -4.92 -5.70 27.39
N VAL B 90 -5.38 -4.45 27.45
CA VAL B 90 -4.79 -3.52 28.40
C VAL B 90 -4.97 -4.03 29.83
N ASP B 91 -6.22 -4.43 30.16
CA ASP B 91 -6.47 -4.96 31.49
C ASP B 91 -5.57 -6.15 31.78
N LEU B 92 -5.38 -7.03 30.79
CA LEU B 92 -4.59 -8.25 31.01
C LEU B 92 -3.14 -7.92 31.32
N VAL B 93 -2.49 -7.10 30.47
CA VAL B 93 -1.08 -6.80 30.73
C VAL B 93 -0.92 -5.98 32.01
N GLU B 94 -1.88 -5.11 32.32
CA GLU B 94 -1.75 -4.33 33.55
C GLU B 94 -1.81 -5.22 34.78
N SER B 95 -2.60 -6.29 34.73
CA SER B 95 -2.69 -7.22 35.85
C SER B 95 -1.39 -7.97 36.08
N TYR B 96 -0.51 -8.02 35.08
CA TYR B 96 0.81 -8.63 35.23
C TYR B 96 1.90 -7.59 35.44
N GLY B 97 1.53 -6.34 35.68
CA GLY B 97 2.48 -5.31 36.04
C GLY B 97 3.02 -4.48 34.90
N TYR B 98 2.60 -4.74 33.66
CA TYR B 98 3.03 -3.87 32.57
C TYR B 98 2.29 -2.53 32.62
N GLU B 99 2.99 -1.49 32.18
CA GLU B 99 2.42 -0.15 32.10
C GLU B 99 2.40 0.25 30.64
N VAL B 100 1.22 0.53 30.10
CA VAL B 100 1.09 0.81 28.67
C VAL B 100 0.33 2.09 28.37
N ARG B 101 -0.66 2.46 29.21
CA ARG B 101 -1.59 3.53 28.82
C ARG B 101 -0.88 4.85 28.50
N ASP B 102 0.20 5.16 29.22
CA ASP B 102 0.91 6.42 29.00
C ASP B 102 1.93 6.35 27.87
N ARG B 103 2.05 5.23 27.17
CA ARG B 103 2.94 5.14 26.01
C ARG B 103 2.23 4.53 24.81
N LEU B 104 0.90 4.46 24.85
CA LEU B 104 0.07 3.89 23.79
C LEU B 104 -0.58 5.03 23.02
N TYR B 105 -0.42 5.02 21.70
CA TYR B 105 -0.92 6.06 20.81
C TYR B 105 -1.87 5.41 19.82
N ILE B 106 -3.12 5.85 19.81
CA ILE B 106 -4.16 5.23 19.00
C ILE B 106 -4.63 6.25 17.96
N HIS B 107 -4.48 5.91 16.68
CA HIS B 107 -4.74 6.91 15.66
C HIS B 107 -6.24 7.17 15.51
N PRO B 108 -6.67 8.44 15.50
CA PRO B 108 -8.11 8.72 15.39
C PRO B 108 -8.71 8.35 14.05
N GLN B 109 -7.90 8.18 13.00
CA GLN B 109 -8.44 7.82 11.69
C GLN B 109 -8.61 6.32 11.52
N ALA B 110 -8.24 5.51 12.51
CA ALA B 110 -8.52 4.08 12.42
C ALA B 110 -10.02 3.84 12.46
N THR B 111 -10.44 2.76 11.80
CA THR B 111 -11.84 2.36 11.86
C THR B 111 -12.16 1.80 13.24
N TRP B 112 -13.31 2.22 13.79
CA TRP B 112 -13.82 1.65 15.03
C TRP B 112 -14.62 0.40 14.67
N LEU B 113 -14.09 -0.77 15.02
CA LEU B 113 -14.79 -2.03 14.81
C LEU B 113 -15.78 -2.21 15.95
N GLU B 114 -17.06 -2.18 15.63
CA GLU B 114 -18.12 -2.18 16.63
C GLU B 114 -18.80 -3.53 16.72
N PRO B 115 -19.54 -3.78 17.80
CA PRO B 115 -20.20 -5.09 17.96
C PRO B 115 -20.99 -5.51 16.75
N VAL B 116 -21.66 -4.56 16.07
CA VAL B 116 -22.49 -4.89 14.91
C VAL B 116 -21.65 -5.52 13.80
N HIS B 117 -20.37 -5.16 13.70
CA HIS B 117 -19.52 -5.78 12.68
C HIS B 117 -19.24 -7.23 13.00
N ARG B 118 -19.01 -7.55 14.28
CA ARG B 118 -18.83 -8.94 14.65
C ARG B 118 -20.09 -9.74 14.38
N ASP B 119 -21.24 -9.19 14.77
CA ASP B 119 -22.50 -9.91 14.58
C ASP B 119 -22.79 -10.13 13.10
N ARG B 120 -22.52 -9.13 12.25
CA ARG B 120 -22.77 -9.30 10.82
C ARG B 120 -21.97 -10.45 10.23
N GLU B 121 -20.69 -10.56 10.59
CA GLU B 121 -19.89 -11.67 10.07
C GLU B 121 -20.33 -13.00 10.67
N ALA B 122 -20.58 -13.03 11.98
CA ALA B 122 -20.88 -14.31 12.63
C ALA B 122 -22.18 -14.91 12.08
N SER B 123 -23.13 -14.07 11.70
CA SER B 123 -24.39 -14.59 11.17
C SER B 123 -24.37 -14.74 9.65
N SER B 124 -23.24 -14.44 9.00
CA SER B 124 -23.11 -14.54 7.56
C SER B 124 -22.56 -15.91 7.16
N THR B 125 -22.47 -16.13 5.85
CA THR B 125 -21.88 -17.34 5.29
C THR B 125 -20.35 -17.34 5.26
N LEU B 126 -19.70 -16.30 5.81
CA LEU B 126 -18.25 -16.15 5.67
C LEU B 126 -17.48 -17.37 6.19
N THR B 127 -17.79 -17.80 7.40
CA THR B 127 -17.03 -18.92 7.94
C THR B 127 -17.24 -20.19 7.11
N ALA B 128 -18.49 -20.47 6.73
CA ALA B 128 -18.77 -21.67 5.95
C ALA B 128 -18.09 -21.62 4.58
N LYS B 129 -18.02 -20.44 3.96
CA LYS B 129 -17.53 -20.34 2.59
C LYS B 129 -16.01 -20.23 2.48
N VAL B 130 -15.35 -19.54 3.42
CA VAL B 130 -13.93 -19.25 3.30
C VAL B 130 -13.15 -19.51 4.58
N GLY B 131 -13.80 -19.99 5.64
CA GLY B 131 -13.11 -20.25 6.88
C GLY B 131 -12.81 -19.02 7.70
N SER B 132 -13.51 -17.93 7.44
CA SER B 132 -13.29 -16.67 8.16
C SER B 132 -13.40 -16.86 9.67
N THR B 133 -12.58 -16.10 10.41
CA THR B 133 -12.72 -16.02 11.86
C THR B 133 -14.00 -15.32 12.29
N SER B 134 -14.64 -14.59 11.39
CA SER B 134 -15.86 -13.83 11.68
C SER B 134 -15.69 -12.91 12.89
N LYS B 135 -14.54 -12.24 12.97
CA LYS B 135 -14.33 -11.30 14.06
C LYS B 135 -14.71 -9.88 13.72
N GLY B 136 -15.29 -9.64 12.53
CA GLY B 136 -15.82 -8.34 12.16
C GLY B 136 -14.89 -7.46 11.36
N ILE B 137 -13.68 -7.91 11.04
CA ILE B 137 -12.72 -7.04 10.37
C ILE B 137 -13.21 -6.69 8.95
N GLY B 138 -13.68 -7.69 8.20
CA GLY B 138 -14.18 -7.42 6.86
C GLY B 138 -15.41 -6.53 6.87
N ALA B 139 -16.37 -6.83 7.76
CA ALA B 139 -17.56 -6.00 7.84
C ALA B 139 -17.21 -4.56 8.21
N ALA B 140 -16.19 -4.38 9.06
CA ALA B 140 -15.79 -3.02 9.39
C ALA B 140 -15.14 -2.34 8.20
N ARG B 141 -14.27 -3.04 7.50
CA ARG B 141 -13.63 -2.47 6.30
C ARG B 141 -14.67 -2.12 5.25
N SER B 142 -15.71 -2.96 5.12
CA SER B 142 -16.78 -2.69 4.17
C SER B 142 -17.52 -1.41 4.51
N ASP B 143 -17.86 -1.24 5.80
CA ASP B 143 -18.48 0.01 6.23
C ASP B 143 -17.56 1.21 6.02
N ARG B 144 -16.25 1.04 6.24
CA ARG B 144 -15.33 2.14 5.97
C ARG B 144 -15.35 2.52 4.49
N ILE B 145 -15.39 1.52 3.61
CA ILE B 145 -15.44 1.76 2.17
C ILE B 145 -16.71 2.52 1.79
N TRP B 146 -17.85 2.17 2.40
CA TRP B 146 -19.10 2.87 2.16
C TRP B 146 -19.18 4.18 2.92
N ARG B 147 -18.14 4.52 3.68
CA ARG B 147 -18.08 5.74 4.45
C ARG B 147 -19.23 5.83 5.46
N VAL B 148 -19.68 4.69 5.97
CA VAL B 148 -20.65 4.65 7.08
C VAL B 148 -20.03 4.20 8.40
N ALA B 149 -18.79 3.70 8.40
CA ALA B 149 -18.17 3.33 9.66
C ALA B 149 -17.88 4.55 10.52
N ASN B 150 -17.82 4.34 11.83
CA ASN B 150 -17.28 5.35 12.71
C ASN B 150 -15.78 5.16 12.89
N LEU B 151 -15.11 6.25 13.26
CA LEU B 151 -13.67 6.22 13.48
C LEU B 151 -13.35 6.15 14.95
N VAL B 152 -12.12 5.72 15.25
CA VAL B 152 -11.61 5.80 16.62
C VAL B 152 -11.83 7.20 17.18
N GLY B 153 -11.59 8.23 16.37
CA GLY B 153 -11.76 9.60 16.83
C GLY B 153 -13.17 9.95 17.25
N ASP B 154 -14.15 9.13 16.89
CA ASP B 154 -15.55 9.39 17.22
C ASP B 154 -15.98 8.78 18.54
N ASN B 155 -15.13 7.99 19.18
CA ASN B 155 -15.50 7.30 20.42
C ASN B 155 -14.60 7.76 21.56
N PRO B 156 -15.06 8.66 22.42
CA PRO B 156 -14.19 9.14 23.49
C PRO B 156 -13.69 8.03 24.41
N ALA B 157 -14.35 6.88 24.44
CA ALA B 157 -13.90 5.82 25.35
C ALA B 157 -12.48 5.35 25.04
N PHE B 158 -12.01 5.53 23.80
CA PHE B 158 -10.64 5.12 23.49
C PHE B 158 -9.62 5.93 24.27
N GLN B 159 -9.99 7.15 24.68
CA GLN B 159 -9.07 8.02 25.43
C GLN B 159 -8.81 7.50 26.84
N GLU B 160 -9.62 6.56 27.34
CA GLU B 160 -9.30 5.93 28.62
C GLU B 160 -8.15 4.95 28.50
N LEU B 161 -7.87 4.48 27.29
CA LEU B 161 -6.91 3.39 27.08
C LEU B 161 -5.55 3.87 26.59
N GLY B 162 -5.51 5.00 25.90
CA GLY B 162 -4.26 5.57 25.46
C GLY B 162 -4.48 6.97 24.94
N ARG B 163 -3.45 7.51 24.31
CA ARG B 163 -3.53 8.84 23.73
C ARG B 163 -4.09 8.72 22.33
N VAL B 164 -5.26 9.30 22.09
CA VAL B 164 -5.87 9.31 20.76
C VAL B 164 -5.31 10.53 20.04
N SER B 165 -4.38 10.32 19.13
CA SER B 165 -3.74 11.47 18.50
C SER B 165 -3.26 11.09 17.11
N ASP B 166 -3.34 12.06 16.22
CA ASP B 166 -2.82 11.93 14.85
C ASP B 166 -1.30 12.08 14.92
N PHE B 167 -0.62 10.98 15.18
CA PHE B 167 0.81 10.95 15.44
C PHE B 167 1.66 10.77 14.19
N THR B 168 1.06 10.56 13.02
CA THR B 168 1.82 10.01 11.89
C THR B 168 2.98 10.92 11.49
N GLU B 169 2.75 12.23 11.40
CA GLU B 169 3.81 13.13 10.98
C GLU B 169 4.86 13.35 12.07
N ASP B 170 4.45 13.32 13.35
CA ASP B 170 5.43 13.31 14.44
C ASP B 170 6.34 12.10 14.33
N LEU B 171 5.74 10.93 14.05
CA LEU B 171 6.51 9.71 13.90
C LEU B 171 7.43 9.78 12.69
N ARG B 172 6.91 10.27 11.56
CA ARG B 172 7.73 10.40 10.37
C ARG B 172 8.91 11.33 10.63
N SER B 173 8.67 12.43 11.34
CA SER B 173 9.72 13.37 11.68
C SER B 173 10.80 12.73 12.53
N GLU B 174 10.40 11.92 13.52
CA GLU B 174 11.38 11.22 14.34
C GLU B 174 12.29 10.34 13.47
N LEU B 175 11.71 9.66 12.48
CA LEU B 175 12.52 8.81 11.59
C LEU B 175 13.42 9.64 10.70
N VAL B 176 12.91 10.75 10.17
CA VAL B 176 13.68 11.56 9.24
C VAL B 176 14.79 12.30 9.97
N ASP B 177 14.48 12.80 11.17
CA ASP B 177 15.42 13.59 11.96
C ASP B 177 15.86 12.72 13.13
N GLY B 178 16.84 11.85 12.86
CA GLY B 178 17.58 11.22 13.95
C GLY B 178 17.03 10.01 14.65
N SER B 179 17.73 8.88 14.50
CA SER B 179 17.60 7.67 15.31
C SER B 179 16.24 7.39 15.97
N LEU B 180 15.31 6.86 15.19
CA LEU B 180 14.25 6.02 15.72
C LEU B 180 14.26 4.73 14.94
N ALA B 181 14.09 3.61 15.62
CA ALA B 181 13.80 2.34 14.96
C ALA B 181 12.30 2.08 15.10
N LEU B 182 11.62 1.94 13.97
CA LEU B 182 10.18 1.66 13.96
C LEU B 182 9.98 0.22 13.54
N VAL B 183 9.34 -0.57 14.40
CA VAL B 183 9.06 -1.99 14.13
C VAL B 183 7.56 -2.11 13.84
N ILE B 184 7.23 -2.50 12.61
CA ILE B 184 5.84 -2.60 12.19
C ILE B 184 5.46 -4.08 12.18
N GLU B 185 4.50 -4.42 13.01
CA GLU B 185 4.02 -5.77 13.21
C GLU B 185 2.92 -6.02 12.18
N GLY B 186 3.24 -6.75 11.11
CA GLY B 186 2.24 -7.17 10.15
C GLY B 186 1.42 -8.34 10.68
N THR B 187 0.48 -8.81 9.85
CA THR B 187 -0.38 -9.88 10.30
C THR B 187 -0.67 -10.85 9.17
N GLN B 188 -1.22 -12.00 9.55
CA GLN B 188 -1.56 -13.09 8.63
C GLN B 188 -0.36 -13.42 7.75
N GLY B 189 -0.59 -13.71 6.47
CA GLY B 189 0.52 -14.14 5.64
C GLY B 189 0.22 -13.88 4.18
N TYR B 190 1.29 -13.86 3.38
CA TYR B 190 1.21 -13.50 1.97
C TYR B 190 0.06 -14.23 1.27
N GLY B 191 0.01 -15.55 1.44
CA GLY B 191 -0.94 -16.36 0.69
C GLY B 191 -2.38 -16.13 1.03
N LEU B 192 -2.66 -15.43 2.12
CA LEU B 192 -4.03 -15.05 2.42
C LEU B 192 -4.44 -13.75 1.73
N GLY B 193 -3.54 -13.11 0.99
CA GLY B 193 -3.85 -11.81 0.43
C GLY B 193 -5.00 -11.83 -0.56
N LEU B 194 -5.76 -10.72 -0.55
CA LEU B 194 -6.92 -10.58 -1.42
C LEU B 194 -6.58 -10.81 -2.88
N HIS B 195 -5.38 -10.44 -3.31
CA HIS B 195 -4.96 -10.59 -4.71
C HIS B 195 -3.83 -11.59 -4.90
N ALA B 196 -3.51 -12.40 -3.87
CA ALA B 196 -2.38 -13.32 -3.96
C ALA B 196 -2.72 -14.63 -4.69
N GLY B 197 -3.99 -14.87 -5.02
CA GLY B 197 -4.31 -15.97 -5.91
C GLY B 197 -5.34 -16.96 -5.42
N HIS B 198 -5.69 -16.92 -4.13
CA HIS B 198 -6.63 -17.90 -3.58
C HIS B 198 -8.04 -17.35 -3.41
N TYR B 199 -8.27 -16.10 -3.78
CA TYR B 199 -9.61 -15.54 -3.66
C TYR B 199 -10.64 -16.49 -4.25
N PRO B 200 -11.80 -16.68 -3.59
CA PRO B 200 -12.30 -15.99 -2.40
C PRO B 200 -11.85 -16.56 -1.06
N GLN B 201 -11.08 -17.64 -1.06
CA GLN B 201 -10.58 -18.21 0.19
C GLN B 201 -9.31 -17.47 0.58
N CYS B 202 -9.53 -16.29 1.14
CA CYS B 202 -8.48 -15.35 1.52
C CYS B 202 -9.08 -14.38 2.51
N THR B 203 -8.26 -13.46 3.01
CA THR B 203 -8.75 -12.43 3.92
C THR B 203 -9.06 -11.16 3.13
N SER B 204 -9.49 -10.11 3.85
CA SER B 204 -10.04 -8.92 3.20
C SER B 204 -9.00 -7.83 2.94
N SER B 205 -7.72 -8.17 2.93
CA SER B 205 -6.70 -7.23 2.49
C SER B 205 -5.54 -8.02 1.90
N ASP B 206 -4.55 -7.31 1.39
CA ASP B 206 -3.31 -7.98 1.04
C ASP B 206 -2.33 -7.89 2.22
N ALA B 207 -1.32 -8.75 2.22
CA ALA B 207 -0.54 -8.96 3.43
C ALA B 207 0.95 -8.90 3.13
N ARG B 208 1.35 -7.99 2.25
CA ARG B 208 2.75 -7.73 1.91
C ARG B 208 3.27 -6.56 2.74
N ALA B 209 4.61 -6.45 2.82
CA ALA B 209 5.21 -5.33 3.52
C ALA B 209 4.63 -4.00 3.04
N ILE B 210 4.48 -3.83 1.72
CA ILE B 210 4.04 -2.54 1.22
C ILE B 210 2.62 -2.22 1.69
N ASP B 211 1.78 -3.24 1.86
CA ASP B 211 0.43 -3.02 2.39
C ASP B 211 0.50 -2.50 3.83
N PHE B 212 1.36 -3.09 4.64
CA PHE B 212 1.46 -2.69 6.04
C PHE B 212 2.09 -1.31 6.17
N LEU B 213 3.03 -0.98 5.28
CA LEU B 213 3.61 0.36 5.27
C LEU B 213 2.56 1.40 4.89
N ALA B 214 1.72 1.09 3.89
CA ALA B 214 0.62 1.99 3.56
C ALA B 214 -0.32 2.19 4.76
N MET B 215 -0.65 1.11 5.47
CA MET B 215 -1.48 1.24 6.68
C MET B 215 -0.79 2.08 7.73
N ALA B 216 0.53 1.91 7.86
CA ALA B 216 1.27 2.66 8.87
C ALA B 216 1.34 4.15 8.53
N GLY B 217 1.24 4.50 7.25
CA GLY B 217 1.43 5.88 6.86
C GLY B 217 2.87 6.32 6.84
N ILE B 218 3.82 5.38 6.82
CA ILE B 218 5.25 5.65 6.79
C ILE B 218 5.81 5.02 5.53
N ASN B 219 6.66 5.76 4.79
CA ASN B 219 7.29 5.20 3.59
C ASN B 219 8.72 4.77 3.86
N PRO B 220 9.17 3.64 3.32
CA PRO B 220 10.60 3.29 3.46
C PRO B 220 11.51 4.38 2.93
N TRP B 221 11.11 5.05 1.85
CA TRP B 221 11.96 6.10 1.29
C TRP B 221 11.88 7.40 2.08
N ASP B 222 11.18 7.42 3.21
CA ASP B 222 11.32 8.52 4.15
C ASP B 222 12.65 8.47 4.89
N LEU B 223 13.27 7.30 4.95
CA LEU B 223 14.60 7.16 5.55
C LEU B 223 15.64 7.89 4.70
N SER B 224 16.68 8.40 5.36
CA SER B 224 17.74 9.13 4.69
C SER B 224 18.58 8.19 3.83
N ARG B 225 19.39 8.78 2.94
CA ARG B 225 20.26 7.96 2.12
C ARG B 225 21.24 7.17 2.98
N GLU B 226 21.81 7.82 4.00
CA GLU B 226 22.75 7.13 4.88
C GLU B 226 22.08 5.96 5.60
N ASP B 227 20.85 6.18 6.09
CA ASP B 227 20.20 5.12 6.85
C ASP B 227 19.80 3.96 5.95
N LEU B 228 19.37 4.23 4.71
CA LEU B 228 19.10 3.14 3.77
C LEU B 228 20.38 2.41 3.41
N ALA B 229 21.49 3.15 3.29
CA ALA B 229 22.76 2.52 2.95
C ALA B 229 23.24 1.61 4.07
N ALA B 230 22.87 1.92 5.32
CA ALA B 230 23.13 1.04 6.45
C ALA B 230 22.13 -0.10 6.54
N HIS B 231 21.35 -0.34 5.48
CA HIS B 231 20.34 -1.40 5.45
C HIS B 231 19.21 -1.12 6.45
N GLY B 232 18.83 0.15 6.56
CA GLY B 232 17.85 0.53 7.58
C GLY B 232 16.45 0.01 7.31
N PHE B 233 16.13 -0.36 6.08
CA PHE B 233 14.80 -0.87 5.74
C PHE B 233 14.88 -2.38 5.56
N ARG B 234 14.25 -3.12 6.47
CA ARG B 234 14.30 -4.58 6.43
C ARG B 234 12.90 -5.15 6.48
N ILE B 235 12.63 -6.12 5.61
CA ILE B 235 11.37 -6.89 5.62
C ILE B 235 11.70 -8.27 6.15
N HIS B 236 11.16 -8.60 7.32
CA HIS B 236 11.39 -9.90 7.94
C HIS B 236 10.26 -10.83 7.53
N VAL B 237 10.57 -11.76 6.62
CA VAL B 237 9.58 -12.72 6.14
C VAL B 237 9.73 -13.98 6.98
N VAL B 238 8.66 -14.33 7.71
CA VAL B 238 8.69 -15.42 8.67
C VAL B 238 7.97 -16.61 8.05
N ILE B 239 8.61 -17.77 8.08
CA ILE B 239 8.02 -18.97 7.50
C ILE B 239 8.15 -20.11 8.49
N ARG B 240 7.33 -21.14 8.27
CA ARG B 240 7.44 -22.34 9.10
C ARG B 240 7.53 -23.57 8.22
N PRO B 241 8.13 -24.65 8.72
CA PRO B 241 8.33 -25.84 7.88
C PRO B 241 7.05 -26.63 7.62
N PHE B 242 6.05 -26.50 8.48
CA PHE B 242 4.76 -27.17 8.30
C PHE B 242 3.70 -26.10 8.23
N PRO B 243 3.42 -25.55 7.05
CA PRO B 243 2.48 -24.42 6.95
C PRO B 243 1.08 -24.83 7.38
N ILE B 244 0.35 -23.85 7.91
CA ILE B 244 -0.96 -24.10 8.48
C ILE B 244 -2.00 -23.23 7.76
N ARG B 245 -3.26 -23.62 7.93
CA ARG B 245 -4.42 -22.82 7.60
C ARG B 245 -5.38 -22.90 8.76
N VAL B 246 -6.35 -21.98 8.80
CA VAL B 246 -7.42 -22.10 9.78
C VAL B 246 -8.32 -23.26 9.42
N ALA B 247 -9.09 -23.72 10.41
CA ALA B 247 -9.95 -24.87 10.22
C ALA B 247 -11.06 -24.57 9.21
N GLY B 248 -11.53 -25.61 8.54
CA GLY B 248 -12.71 -25.52 7.70
C GLY B 248 -12.41 -25.35 6.22
N ASN B 249 -13.32 -24.67 5.54
CA ASN B 249 -13.27 -24.50 4.09
C ASN B 249 -12.41 -23.29 3.73
N SER B 250 -11.12 -23.38 4.11
CA SER B 250 -10.26 -22.21 4.05
C SER B 250 -9.29 -22.21 2.86
N GLY B 251 -9.40 -23.18 1.96
CA GLY B 251 -8.64 -23.13 0.72
C GLY B 251 -7.61 -24.24 0.62
N GLU B 252 -6.93 -24.27 -0.53
CA GLU B 252 -5.95 -25.31 -0.82
C GLU B 252 -4.77 -25.23 0.14
N LEU B 253 -4.35 -26.40 0.64
CA LEU B 253 -3.17 -26.49 1.50
C LEU B 253 -2.32 -27.66 1.01
N SER B 254 -1.23 -27.35 0.32
CA SER B 254 -0.39 -28.38 -0.29
C SER B 254 0.05 -29.42 0.74
N GLY B 255 0.08 -30.67 0.31
CA GLY B 255 0.56 -31.74 1.17
C GLY B 255 -0.12 -31.79 2.52
N GLU B 256 -1.43 -31.56 2.55
CA GLU B 256 -2.13 -31.53 3.83
C GLU B 256 -2.00 -32.87 4.54
N THR B 257 -1.73 -32.81 5.83
CA THR B 257 -1.59 -34.00 6.66
C THR B 257 -2.28 -33.75 7.99
N SER B 258 -1.79 -34.34 9.07
CA SER B 258 -2.42 -34.15 10.36
C SER B 258 -1.33 -33.98 11.41
N TRP B 259 -1.71 -33.39 12.53
CA TRP B 259 -0.74 -33.19 13.60
C TRP B 259 -0.21 -34.53 14.10
N ASP B 260 -1.10 -35.52 14.27
CA ASP B 260 -0.64 -36.84 14.71
C ASP B 260 0.33 -37.45 13.71
N GLU B 261 0.02 -37.37 12.42
CA GLU B 261 0.92 -37.91 11.42
C GLU B 261 2.32 -37.29 11.51
N LEU B 262 2.40 -36.00 11.85
CA LEU B 262 3.68 -35.33 11.99
C LEU B 262 4.35 -35.59 13.32
N GLY B 263 3.63 -36.16 14.28
CA GLY B 263 4.18 -36.34 15.61
C GLY B 263 4.30 -35.06 16.40
N LEU B 264 3.39 -34.12 16.18
CA LEU B 264 3.41 -32.82 16.83
C LEU B 264 2.10 -32.59 17.57
N GLU B 265 2.17 -31.83 18.66
CA GLU B 265 0.96 -31.43 19.36
C GLU B 265 0.08 -30.61 18.41
N ALA B 266 -1.23 -30.85 18.48
CA ALA B 266 -2.14 -30.10 17.63
C ALA B 266 -2.12 -28.63 18.06
N GLU B 267 -2.20 -27.74 17.07
CA GLU B 267 -2.23 -26.31 17.29
C GLU B 267 -3.62 -25.77 17.02
N ARG B 268 -4.00 -24.73 17.77
CA ARG B 268 -5.29 -24.07 17.62
C ARG B 268 -5.08 -22.60 17.34
N THR B 269 -6.01 -22.01 16.57
CA THR B 269 -5.93 -20.58 16.26
C THR B 269 -6.26 -19.74 17.49
N THR B 270 -5.59 -18.59 17.60
CA THR B 270 -5.78 -17.76 18.80
C THR B 270 -7.19 -17.20 18.89
N VAL B 271 -7.72 -16.71 17.78
CA VAL B 271 -8.95 -15.94 17.83
C VAL B 271 -10.21 -16.79 17.84
N THR B 272 -10.12 -18.07 17.47
CA THR B 272 -11.27 -18.95 17.43
C THR B 272 -11.10 -20.22 18.25
N ASN B 273 -9.88 -20.55 18.66
CA ASN B 273 -9.52 -21.81 19.31
C ASN B 273 -9.83 -23.04 18.45
N LYS B 274 -10.06 -22.85 17.15
CA LYS B 274 -10.29 -24.00 16.29
C LYS B 274 -8.95 -24.65 15.92
N ILE B 275 -9.00 -25.96 15.64
CA ILE B 275 -7.78 -26.67 15.29
C ILE B 275 -7.29 -26.22 13.93
N ARG B 276 -5.98 -25.97 13.83
CA ARG B 276 -5.36 -25.57 12.57
C ARG B 276 -5.23 -26.76 11.63
N ARG B 277 -5.45 -26.51 10.35
CA ARG B 277 -5.00 -27.44 9.31
C ARG B 277 -3.49 -27.31 9.15
N VAL B 278 -2.84 -28.39 8.72
CA VAL B 278 -1.39 -28.37 8.58
C VAL B 278 -0.97 -29.17 7.36
N GLY B 279 0.06 -28.69 6.66
CA GLY B 279 0.56 -29.37 5.48
C GLY B 279 2.08 -29.43 5.43
N GLN B 280 2.64 -29.71 4.25
CA GLN B 280 4.08 -29.80 4.07
C GLN B 280 4.58 -28.56 3.36
N PHE B 281 5.86 -28.23 3.60
CA PHE B 281 6.44 -27.01 3.05
C PHE B 281 6.23 -26.93 1.55
N ASP B 282 5.73 -25.78 1.10
CA ASP B 282 5.51 -25.52 -0.32
C ASP B 282 6.44 -24.39 -0.71
N PRO B 283 7.57 -24.69 -1.34
CA PRO B 283 8.53 -23.63 -1.68
C PRO B 283 7.96 -22.60 -2.63
N GLU B 284 7.04 -22.99 -3.53
CA GLU B 284 6.56 -22.04 -4.51
C GLU B 284 5.82 -20.88 -3.84
N LEU B 285 5.02 -21.17 -2.80
CA LEU B 285 4.34 -20.09 -2.08
C LEU B 285 5.34 -19.11 -1.47
N VAL B 286 6.39 -19.63 -0.85
CA VAL B 286 7.40 -18.78 -0.22
C VAL B 286 8.17 -18.00 -1.28
N ARG B 287 8.46 -18.62 -2.42
CA ARG B 287 9.09 -17.90 -3.51
C ARG B 287 8.24 -16.70 -3.94
N ARG B 288 6.93 -16.92 -4.12
CA ARG B 288 6.04 -15.83 -4.52
C ARG B 288 5.93 -14.77 -3.44
N ALA B 289 5.95 -15.19 -2.17
CA ALA B 289 5.88 -14.25 -1.06
C ALA B 289 7.10 -13.34 -1.03
N VAL B 290 8.29 -13.92 -1.20
CA VAL B 290 9.51 -13.13 -1.15
C VAL B 290 9.57 -12.17 -2.32
N LEU B 291 9.20 -12.64 -3.51
CA LEU B 291 9.16 -11.75 -4.66
C LEU B 291 8.18 -10.63 -4.45
N ALA B 292 6.98 -10.96 -3.95
CA ALA B 292 5.97 -9.91 -3.76
C ALA B 292 6.40 -8.89 -2.72
N ASN B 293 7.11 -9.33 -1.68
CA ASN B 293 7.54 -8.39 -0.64
C ASN B 293 8.68 -7.50 -1.10
N GLY B 294 9.54 -8.00 -2.00
CA GLY B 294 10.65 -7.19 -2.51
C GLY B 294 11.94 -7.79 -2.03
N VAL B 295 12.46 -8.75 -2.79
CA VAL B 295 13.54 -9.61 -2.32
C VAL B 295 14.74 -8.80 -1.85
N ASN B 296 14.98 -7.63 -2.44
CA ASN B 296 16.20 -6.88 -2.12
C ASN B 296 16.28 -6.47 -0.65
N ASN B 297 15.17 -6.44 0.06
CA ASN B 297 15.16 -6.00 1.45
C ASN B 297 14.68 -7.07 2.40
N VAL B 298 14.59 -8.31 1.92
CA VAL B 298 14.02 -9.41 2.70
C VAL B 298 15.11 -10.10 3.51
N LYS B 299 14.79 -10.36 4.78
CA LYS B 299 15.52 -11.30 5.63
C LYS B 299 14.54 -12.41 5.99
N ILE B 300 14.95 -13.66 5.82
CA ILE B 300 14.03 -14.78 6.05
C ILE B 300 14.28 -15.36 7.43
N HIS B 301 13.22 -15.53 8.19
CA HIS B 301 13.27 -16.18 9.50
C HIS B 301 12.59 -17.54 9.39
N LEU B 302 13.33 -18.61 9.65
CA LEU B 302 12.71 -19.93 9.63
C LEU B 302 12.24 -20.24 11.05
N SER B 303 10.96 -20.05 11.30
CA SER B 303 10.35 -20.38 12.58
C SER B 303 10.18 -21.89 12.73
N MET B 304 10.11 -22.33 13.98
CA MET B 304 9.75 -23.71 14.30
C MET B 304 10.68 -24.70 13.61
N ALA B 305 11.97 -24.33 13.52
CA ALA B 305 12.97 -25.31 13.14
C ALA B 305 12.95 -26.51 14.08
N ASP B 306 12.51 -26.32 15.33
CA ASP B 306 12.45 -27.41 16.29
C ASP B 306 11.32 -28.39 15.99
N GLN B 307 10.31 -27.97 15.21
CA GLN B 307 9.32 -28.94 14.76
C GLN B 307 9.91 -29.85 13.68
N LEU B 308 10.84 -29.33 12.89
CA LEU B 308 11.55 -30.13 11.90
C LEU B 308 12.62 -30.99 12.56
N ILE B 309 13.35 -30.41 13.51
CA ILE B 309 14.43 -31.09 14.23
C ILE B 309 14.16 -30.99 15.71
N PRO B 310 13.46 -31.96 16.32
CA PRO B 310 13.13 -31.82 17.75
C PRO B 310 14.34 -31.62 18.64
N GLN B 311 15.53 -32.05 18.22
CA GLN B 311 16.74 -31.88 19.04
C GLN B 311 17.13 -30.42 19.21
N LEU B 312 16.55 -29.50 18.43
CA LEU B 312 16.85 -28.08 18.55
C LEU B 312 15.98 -27.36 19.58
N ALA B 313 14.95 -28.01 20.12
CA ALA B 313 13.96 -27.32 20.94
C ALA B 313 14.62 -26.50 22.03
N GLY B 314 14.24 -25.23 22.11
CA GLY B 314 14.66 -24.36 23.20
C GLY B 314 16.12 -23.92 23.16
N LEU B 315 16.85 -24.22 22.11
CA LEU B 315 18.28 -23.92 22.03
C LEU B 315 18.56 -22.57 21.40
N GLU B 316 19.59 -21.90 21.90
CA GLU B 316 20.09 -20.67 21.29
C GLU B 316 21.38 -20.89 20.51
N ASP B 317 21.87 -22.12 20.44
CA ASP B 317 23.04 -22.48 19.65
C ASP B 317 22.89 -23.94 19.23
N LEU B 318 23.59 -24.32 18.16
CA LEU B 318 23.51 -25.69 17.70
C LEU B 318 24.10 -26.64 18.75
N PRO B 319 23.49 -27.81 18.95
CA PRO B 319 23.94 -28.71 20.02
C PRO B 319 25.33 -29.27 19.72
N GLU B 320 25.93 -29.84 20.77
CA GLU B 320 27.35 -30.19 20.72
C GLU B 320 27.67 -31.14 19.57
N GLY B 321 26.97 -32.27 19.50
CA GLY B 321 27.32 -33.31 18.54
C GLY B 321 26.80 -33.09 17.12
N TRP B 322 26.60 -31.83 16.75
CA TRP B 322 25.83 -31.52 15.54
C TRP B 322 26.50 -32.07 14.28
N ARG B 323 27.81 -31.84 14.15
CA ARG B 323 28.50 -32.25 12.92
C ARG B 323 28.34 -33.74 12.66
N GLU B 324 28.24 -34.55 13.71
CA GLU B 324 28.20 -36.00 13.55
C GLU B 324 26.78 -36.56 13.43
N SER B 325 25.76 -35.78 13.72
CA SER B 325 24.40 -36.30 13.79
C SER B 325 23.80 -36.46 12.39
N GLU B 326 22.70 -37.22 12.34
CA GLU B 326 21.89 -37.27 11.13
C GLU B 326 21.04 -36.03 10.95
N TYR B 327 20.80 -35.28 12.03
CA TYR B 327 19.94 -34.10 11.94
C TYR B 327 20.59 -33.01 11.08
N ALA B 328 21.90 -32.83 11.22
CA ALA B 328 22.59 -31.82 10.42
C ALA B 328 22.21 -31.94 8.95
N GLY B 329 22.15 -33.16 8.42
CA GLY B 329 21.78 -33.33 7.03
C GLY B 329 20.33 -32.97 6.78
N ARG B 330 19.43 -33.38 7.67
CA ARG B 330 18.02 -33.05 7.52
C ARG B 330 17.82 -31.53 7.46
N LEU B 331 18.41 -30.80 8.40
CA LEU B 331 18.28 -29.35 8.39
C LEU B 331 18.94 -28.74 7.14
N ARG B 332 20.13 -29.21 6.79
CA ARG B 332 20.80 -28.70 5.60
C ARG B 332 19.95 -28.91 4.35
N GLU B 333 19.35 -30.09 4.21
CA GLU B 333 18.56 -30.36 3.02
C GLU B 333 17.31 -29.49 2.97
N PHE B 334 16.68 -29.27 4.13
CA PHE B 334 15.49 -28.42 4.15
C PHE B 334 15.85 -26.98 3.76
N ILE B 335 16.93 -26.45 4.34
CA ILE B 335 17.34 -25.09 3.99
C ILE B 335 17.64 -24.99 2.50
N ASP B 336 18.18 -26.06 1.91
CA ASP B 336 18.53 -26.04 0.49
C ASP B 336 17.35 -25.69 -0.40
N GLN B 337 16.14 -26.06 0.01
CA GLN B 337 14.97 -25.83 -0.83
C GLN B 337 14.11 -24.67 -0.35
N ILE B 338 14.60 -23.87 0.60
CA ILE B 338 13.99 -22.57 0.90
C ILE B 338 14.36 -21.61 -0.22
N PRO B 339 13.38 -21.01 -0.90
CA PRO B 339 13.70 -19.99 -1.91
C PRO B 339 14.52 -18.86 -1.30
N PHE B 340 15.51 -18.40 -2.06
CA PHE B 340 16.33 -17.27 -1.65
C PHE B 340 17.00 -17.53 -0.31
N ASN B 341 17.46 -18.76 -0.09
CA ASN B 341 17.95 -19.09 1.25
C ASN B 341 19.23 -18.35 1.61
N GLU B 342 19.86 -17.64 0.68
CA GLU B 342 20.97 -16.77 1.06
C GLU B 342 20.53 -15.66 2.01
N ARG B 343 19.22 -15.41 2.12
CA ARG B 343 18.71 -14.37 3.00
C ARG B 343 18.22 -14.91 4.34
N LEU B 344 18.48 -16.18 4.63
CA LEU B 344 18.13 -16.75 5.93
C LEU B 344 18.97 -16.11 7.03
N VAL B 345 18.31 -15.64 8.09
CA VAL B 345 19.03 -14.98 9.19
C VAL B 345 18.80 -15.63 10.54
N SER B 346 17.81 -16.49 10.70
CA SER B 346 17.47 -16.97 12.04
C SER B 346 16.71 -18.29 11.96
N LEU B 347 16.92 -19.14 12.96
CA LEU B 347 16.19 -20.40 13.10
C LEU B 347 15.43 -20.36 14.42
N GLY B 348 14.10 -20.35 14.36
CA GLY B 348 13.32 -20.38 15.59
C GLY B 348 13.38 -21.77 16.21
N THR B 349 13.57 -21.83 17.54
CA THR B 349 13.70 -23.11 18.24
C THR B 349 12.67 -23.29 19.34
N GLY B 350 11.76 -22.35 19.50
CA GLY B 350 10.72 -22.43 20.50
C GLY B 350 9.98 -21.11 20.51
N PRO B 351 8.95 -21.01 21.34
CA PRO B 351 8.13 -19.79 21.35
C PRO B 351 8.88 -18.55 21.79
N HIS B 352 10.07 -18.68 22.41
CA HIS B 352 10.83 -17.50 22.80
C HIS B 352 12.34 -17.73 22.67
N THR B 353 12.77 -18.59 21.74
CA THR B 353 14.19 -18.84 21.53
C THR B 353 14.48 -18.95 20.04
N ARG B 354 15.69 -18.56 19.65
CA ARG B 354 16.10 -18.77 18.27
C ARG B 354 17.62 -18.81 18.20
N ILE B 355 18.12 -19.35 17.10
CA ILE B 355 19.54 -19.34 16.75
C ILE B 355 19.74 -18.23 15.72
N GLU B 356 20.49 -17.20 16.10
CA GLU B 356 20.79 -16.09 15.20
C GLU B 356 22.00 -16.46 14.35
N LEU B 357 21.89 -16.27 13.04
CA LEU B 357 22.99 -16.66 12.15
C LEU B 357 24.05 -15.57 11.98
N PHE B 358 23.75 -14.33 12.40
CA PHE B 358 24.64 -13.20 12.23
C PHE B 358 24.83 -12.46 13.56
N LYS B 359 25.94 -11.72 13.64
CA LYS B 359 26.29 -11.01 14.88
C LYS B 359 25.62 -9.64 14.87
N GLU B 360 24.32 -9.66 15.18
CA GLU B 360 23.51 -8.44 15.05
C GLU B 360 24.00 -7.33 15.97
N ASN B 361 24.36 -7.67 17.21
CA ASN B 361 24.82 -6.64 18.14
C ASN B 361 26.16 -6.07 17.69
N LEU B 362 27.06 -6.93 17.21
CA LEU B 362 28.32 -6.44 16.67
C LEU B 362 28.08 -5.49 15.49
N TYR B 363 27.21 -5.89 14.56
CA TYR B 363 26.90 -5.03 13.42
C TYR B 363 26.32 -3.70 13.85
N PHE B 364 25.46 -3.71 14.87
CA PHE B 364 24.91 -2.45 15.37
C PHE B 364 26.03 -1.55 15.89
N GLN B 365 26.92 -2.10 16.72
CA GLN B 365 27.99 -1.29 17.27
C GLN B 365 28.92 -0.78 16.18
N LEU B 366 29.10 -1.55 15.11
CA LEU B 366 30.07 -1.21 14.07
C LEU B 366 29.52 -0.19 13.08
N GLU B 367 28.34 -0.45 12.54
CA GLU B 367 27.83 0.33 11.43
C GLU B 367 26.70 1.26 11.84
P PO4 C . -12.74 13.73 -12.87
O1 PO4 C . -13.37 12.57 -13.57
O2 PO4 C . -11.24 13.72 -12.96
O3 PO4 C . -13.11 13.70 -11.41
O4 PO4 C . -13.26 14.98 -13.51
P PO4 D . -16.42 7.82 -5.39
O1 PO4 D . -16.00 6.56 -6.07
O2 PO4 D . -17.54 7.51 -4.41
O3 PO4 D . -16.94 8.83 -6.39
O4 PO4 D . -15.27 8.45 -4.66
PB GDP E . -6.76 14.20 -13.85
O1B GDP E . -6.04 13.50 -14.88
O2B GDP E . -5.87 14.50 -12.84
O3B GDP E . -7.90 13.48 -13.35
O3A GDP E . -7.28 15.65 -14.33
PA GDP E . -8.39 15.81 -15.46
O1A GDP E . -7.76 15.54 -16.73
O2A GDP E . -9.52 15.05 -15.23
O5' GDP E . -8.79 17.33 -15.48
C5' GDP E . -7.82 18.39 -15.58
C4' GDP E . -8.00 19.35 -16.78
O4' GDP E . -7.50 20.38 -17.12
C3' GDP E . -8.49 18.57 -18.16
O3' GDP E . -9.60 19.17 -18.84
C2' GDP E . -7.35 18.72 -18.84
O2' GDP E . -7.43 18.56 -20.34
C1' GDP E . -6.76 20.09 -18.38
N9 GDP E . -5.48 20.49 -18.35
C8 GDP E . -4.46 19.71 -18.02
N7 GDP E . -3.35 20.44 -17.87
C5 GDP E . -3.63 21.66 -18.02
C6 GDP E . -2.78 22.94 -17.98
O6 GDP E . -1.69 22.83 -17.73
N1 GDP E . -3.50 24.16 -18.27
C2 GDP E . -4.86 24.13 -18.52
N2 GDP E . -5.65 25.27 -18.83
N3 GDP E . -5.59 22.89 -18.55
C4 GDP E . -4.89 21.68 -18.29
H5' GDP E . -6.90 18.05 -15.62
H5'' GDP E . -7.88 18.91 -14.77
H4' GDP E . -8.77 19.85 -16.40
H3' GDP E . -8.67 17.62 -18.01
HO3' GDP E . -10.32 19.00 -18.43
H2' GDP E . -6.70 17.99 -18.65
HO2' GDP E . -7.84 19.23 -20.70
H1' GDP E . -7.27 20.80 -18.93
H8 GDP E . -4.46 18.79 -17.89
HN1 GDP E . -3.09 24.98 -18.27
HN21 GDP E . -5.72 25.54 -19.64
HN22 GDP E . -6.06 25.69 -18.20
S SO4 F . 16.06 18.79 -23.16
O1 SO4 F . 14.99 18.00 -22.53
O2 SO4 F . 17.35 18.26 -22.74
O3 SO4 F . 15.91 18.67 -24.61
O4 SO4 F . 15.95 20.19 -22.76
C1 GOL G . -8.74 -18.15 5.96
O1 GOL G . -8.27 -18.37 4.65
C2 GOL G . -9.13 -16.66 6.12
O2 GOL G . -10.34 -16.31 5.49
C3 GOL G . -9.22 -16.45 7.66
O3 GOL G . -8.32 -15.44 7.93
H11 GOL G . -9.51 -18.70 6.17
H12 GOL G . -8.07 -18.37 6.64
HO1 GOL G . -8.50 -17.70 4.19
H2 GOL G . -8.46 -16.10 5.68
HO2 GOL G . -10.37 -15.46 5.42
H31 GOL G . -10.13 -16.23 7.90
H32 GOL G . -9.02 -17.28 8.10
HO3 GOL G . -8.53 -15.12 8.68
P PO4 H . -4.02 -16.88 14.61
O1 PO4 H . -3.93 -18.24 15.27
O2 PO4 H . -2.62 -16.36 14.40
O3 PO4 H . -4.68 -17.00 13.26
O4 PO4 H . -4.86 -16.00 15.48
P PO4 I . -11.08 -13.00 8.27
O1 PO4 I . -10.95 -14.08 9.32
O2 PO4 I . -9.95 -13.19 7.28
O3 PO4 I . -12.41 -13.13 7.54
O4 PO4 I . -10.97 -11.64 8.89
PB GDP J . 1.78 -15.12 14.41
O1B GDP J . 2.44 -15.05 13.23
O2B GDP J . 0.37 -14.95 14.19
O3B GDP J . 2.40 -14.19 15.32
O3A GDP J . 1.91 -16.67 14.91
PA GDP J . 1.21 -17.19 16.24
O1A GDP J . -0.14 -16.87 16.24
O2A GDP J . 1.89 -16.62 17.37
O5' GDP J . 1.38 -18.72 16.26
C5' GDP J . 2.65 -19.36 16.09
C4' GDP J . 3.11 -20.27 17.27
O4' GDP J . 4.01 -21.01 17.45
C3' GDP J . 2.68 -19.67 18.76
O3' GDP J . 1.99 -20.61 19.61
C2' GDP J . 3.91 -19.39 19.19
O2' GDP J . 4.06 -19.23 20.68
C1' GDP J . 4.82 -20.47 18.56
N9 GDP J . 6.12 -20.34 18.23
C8 GDP J . 6.70 -19.24 17.76
N7 GDP J . 7.94 -19.49 17.36
C5 GDP J . 8.17 -20.74 17.53
C6 GDP J . 9.40 -21.64 17.26
O6 GDP J . 10.31 -21.16 16.82
N1 GDP J . 9.25 -23.02 17.65
C2 GDP J . 8.02 -23.49 18.16
N2 GDP J . 7.80 -24.85 18.58
N3 GDP J . 6.94 -22.60 18.39
C4 GDP J . 7.08 -21.23 18.03
H5' GDP J . 2.58 -19.93 15.31
H5'' GDP J . 3.38 -18.73 15.93
H4' GDP J . 2.52 -21.01 17.03
H3' GDP J . 2.16 -18.86 18.69
HO3' GDP J . 1.53 -20.20 20.19
H2' GDP J . 4.21 -18.49 18.91
HO2' GDP J . 4.02 -19.98 21.08
H1' GDP J . 4.73 -21.31 19.16
H8 GDP J . 6.31 -18.40 17.69
HN1 GDP J . 9.91 -23.65 17.54
HN21 GDP J . 7.63 -25.46 18.00
HN22 GDP J . 7.83 -25.05 19.42
S SO4 K . 26.08 -10.80 18.70
O1 SO4 K . 26.19 -10.73 20.16
O2 SO4 K . 26.42 -12.15 18.25
O3 SO4 K . 24.69 -10.50 18.33
O4 SO4 K . 26.97 -9.82 18.08
#